data_3NVN
#
_entry.id   3NVN
#
_cell.length_a   95.749
_cell.length_b   133.494
_cell.length_c   172.231
_cell.angle_alpha   90.00
_cell.angle_beta   90.00
_cell.angle_gamma   90.00
#
_symmetry.space_group_name_H-M   'C 2 2 21'
#
loop_
_entity.id
_entity.type
_entity.pdbx_description
1 polymer EVM139
2 polymer Plexin-C1
3 non-polymer 2-acetamido-2-deoxy-alpha-D-glucopyranose
4 non-polymer 'CALCIUM ION'
5 non-polymer 2-acetamido-2-deoxy-beta-D-glucopyranose
6 water water
#
loop_
_entity_poly.entity_id
_entity_poly.type
_entity_poly.pdbx_seq_one_letter_code
_entity_poly.pdbx_strand_id
1 'polypeptide(L)'
;PGTSIEWHKFETSEEIISTYLIDDVLYTGVNGAVYTFSNNELNKTGLTNNNNYITTSIKVEDTLVCGTNNGNPKCWKIDG
SEDPKYRGRGYAPYQNSKVTIISHNECVLSDINISKEGIKRWRRFDGPCGYDLYTADNVIPKDGVRGAFVDKDGTYDKVY
ILFTDTIDTKRIVKIPYIAQMCLNDEGGPSSLSSHRWSTFLKVELECDIDGRSYRQIIHSKAIKTDNDTILYVFFDSPYS
KSALCTYSMNAIKHSFSTSKLGGYTKQLPSPAPGICLPAGKVVPHTTFDIIEQYNELDDIIKPLSQPIFEGPSGVKWFDI
KEKENEHREYRIYFIKENTIYSFDTKSKQTRSAQVDARLFSVMVTSKPLFIADIGIGVGIPRMKKILKM
;
A
2 'polypeptide(L)'
;ADEPVWRSEQAIGAIAASQEDGVFVASGSCLDQLDYSLEHSLSRLYRDQAGNCTEPVSLAPPARPRPGSSFSKLLLPYRE
GAAGLGGLLLTGWTFDRGACEVRPLGNLSRNSLRNGTEVVSCHPQGSTAGVVYRAGRNNRWYLAVAATYVLPEPETASRC
NPAASDHDTAIALKDTEGRSLATQELGRLKLCEGAGSLHFVDAFLWNGSIYFPYYPYNYTSGAATGWPSMARIAQSTEVL
FQGQASLDCGHGHPDGRRLLLSSSLVEALDVWAGVFSAAAGEGQERRSPTTTALCLFRMSEIQARAKRVSWDFKTAESHC
KEGDQPERVQPIASSTLIHSDLTSVYGTVVMNRTVLFLGTGDGQLLKVILGENLTSNCPEVIYEIKEETPVFYKLVPDPV
KNIYIYLTAGKEVRRIRVANCNKHKSCSECLTATDPHCGWCHSLQRCTFQGDCVHSENLENWLDISSGAKKCPGAP
;
B
#
# COMPACT_ATOMS: atom_id res chain seq x y z
N SER A 4 27.46 22.07 46.67
CA SER A 4 27.92 21.91 45.27
C SER A 4 26.78 21.53 44.33
N ILE A 5 26.09 20.44 44.66
CA ILE A 5 24.97 19.94 43.86
C ILE A 5 23.64 20.34 44.51
N GLU A 6 22.86 21.15 43.80
CA GLU A 6 21.58 21.64 44.29
C GLU A 6 20.42 20.81 43.75
N TRP A 7 19.83 20.00 44.62
CA TRP A 7 18.71 19.14 44.23
C TRP A 7 17.35 19.79 44.32
N HIS A 8 16.62 19.78 43.21
CA HIS A 8 15.27 20.33 43.18
C HIS A 8 14.37 19.08 43.11
N LYS A 9 14.09 18.53 44.29
CA LYS A 9 13.28 17.32 44.46
C LYS A 9 11.82 17.45 44.07
N PHE A 10 11.25 16.35 43.57
CA PHE A 10 9.83 16.31 43.21
C PHE A 10 9.08 16.19 44.53
N GLU A 11 7.76 16.12 44.45
CA GLU A 11 6.92 15.98 45.63
C GLU A 11 7.09 14.55 46.15
N THR A 12 7.30 13.62 45.22
CA THR A 12 7.48 12.21 45.54
C THR A 12 8.34 11.59 44.44
N SER A 13 8.89 10.41 44.68
CA SER A 13 9.71 9.75 43.67
C SER A 13 8.94 9.45 42.39
N GLU A 14 9.51 9.82 41.25
CA GLU A 14 8.91 9.63 39.94
C GLU A 14 9.60 8.60 39.04
N GLU A 15 8.87 8.06 38.08
CA GLU A 15 9.44 7.13 37.11
C GLU A 15 9.80 7.97 35.93
N ILE A 16 11.09 8.20 35.69
CA ILE A 16 11.50 9.02 34.56
C ILE A 16 11.49 8.23 33.28
N ILE A 17 10.82 8.77 32.28
CA ILE A 17 10.68 8.13 30.98
C ILE A 17 11.53 8.79 29.90
N SER A 18 11.61 10.12 29.90
CA SER A 18 12.40 10.80 28.89
C SER A 18 12.81 12.22 29.31
N THR A 19 13.91 12.72 28.72
CA THR A 19 14.41 14.08 28.99
C THR A 19 14.85 14.73 27.70
N TYR A 20 14.48 15.99 27.54
CA TYR A 20 14.81 16.75 26.33
C TYR A 20 15.17 18.20 26.67
N LEU A 21 15.85 18.85 25.74
CA LEU A 21 16.25 20.25 25.86
C LEU A 21 15.85 20.96 24.56
N ILE A 22 15.16 22.08 24.67
CA ILE A 22 14.76 22.82 23.50
C ILE A 22 15.30 24.25 23.57
N ASP A 23 14.60 25.10 24.29
CA ASP A 23 15.03 26.48 24.42
C ASP A 23 15.74 26.63 25.76
N ASP A 24 16.75 25.78 25.97
CA ASP A 24 17.51 25.76 27.21
C ASP A 24 16.61 25.36 28.38
N VAL A 25 15.47 24.75 28.05
CA VAL A 25 14.52 24.29 29.05
C VAL A 25 14.53 22.77 29.10
N LEU A 26 14.68 22.21 30.29
CA LEU A 26 14.70 20.77 30.48
C LEU A 26 13.27 20.23 30.63
N TYR A 27 12.89 19.36 29.71
CA TYR A 27 11.56 18.76 29.72
C TYR A 27 11.67 17.31 30.16
N THR A 28 11.24 17.02 31.37
CA THR A 28 11.31 15.68 31.91
C THR A 28 9.95 14.99 31.88
N GLY A 29 9.87 13.88 31.14
CA GLY A 29 8.62 13.15 31.04
C GLY A 29 8.57 12.03 32.07
N VAL A 30 7.46 11.98 32.80
CA VAL A 30 7.27 10.95 33.82
C VAL A 30 5.97 10.21 33.51
N ASN A 31 5.62 9.24 34.34
CA ASN A 31 4.39 8.48 34.15
C ASN A 31 3.19 9.29 34.60
N GLY A 32 2.54 9.98 33.67
CA GLY A 32 1.37 10.77 34.02
C GLY A 32 1.48 12.27 33.87
N ALA A 33 2.70 12.80 33.90
CA ALA A 33 2.90 14.24 33.78
C ALA A 33 4.24 14.59 33.13
N VAL A 34 4.54 15.88 33.07
CA VAL A 34 5.79 16.38 32.48
C VAL A 34 6.30 17.60 33.27
N TYR A 35 7.58 17.59 33.62
CA TYR A 35 8.15 18.71 34.36
C TYR A 35 9.00 19.57 33.44
N THR A 36 9.12 20.87 33.75
CA THR A 36 9.96 21.75 32.97
C THR A 36 10.95 22.42 33.91
N PHE A 37 12.16 22.66 33.44
CA PHE A 37 13.16 23.29 34.29
C PHE A 37 14.00 24.34 33.56
N SER A 38 13.96 25.57 34.07
CA SER A 38 14.70 26.69 33.49
C SER A 38 14.76 27.82 34.51
N ASN A 39 15.91 28.47 34.58
CA ASN A 39 16.12 29.56 35.53
C ASN A 39 15.89 29.13 36.97
N ASN A 40 16.37 27.93 37.29
CA ASN A 40 16.29 27.36 38.63
C ASN A 40 14.89 27.12 39.19
N GLU A 41 13.86 27.33 38.39
CA GLU A 41 12.49 27.11 38.86
C GLU A 41 11.87 25.87 38.22
N LEU A 42 11.18 25.06 39.03
CA LEU A 42 10.56 23.83 38.56
C LEU A 42 9.05 23.98 38.40
N ASN A 43 8.57 23.77 37.18
CA ASN A 43 7.13 23.87 36.89
C ASN A 43 6.61 22.49 36.49
N LYS A 44 5.41 22.15 36.94
CA LYS A 44 4.83 20.85 36.61
C LYS A 44 3.40 20.97 36.11
N THR A 45 3.10 20.24 35.04
CA THR A 45 1.76 20.24 34.48
C THR A 45 1.32 18.79 34.39
N GLY A 46 0.31 18.44 35.19
CA GLY A 46 -0.19 17.08 35.22
C GLY A 46 -1.13 16.77 34.07
N LEU A 47 -0.93 15.60 33.48
CA LEU A 47 -1.75 15.15 32.37
C LEU A 47 -2.58 13.95 32.83
N THR A 48 -3.27 13.30 31.90
CA THR A 48 -4.08 12.14 32.24
C THR A 48 -3.28 11.10 33.02
N ASN A 49 -3.52 11.05 34.32
CA ASN A 49 -2.81 10.14 35.23
C ASN A 49 -3.38 8.71 35.32
N ASN A 50 -2.67 7.77 34.72
CA ASN A 50 -3.04 6.35 34.71
C ASN A 50 -1.80 5.52 34.41
N ASN A 51 -1.59 5.23 33.13
CA ASN A 51 -0.41 4.49 32.67
C ASN A 51 0.04 5.18 31.40
N ASN A 52 0.05 6.50 31.47
CA ASN A 52 0.42 7.38 30.39
C ASN A 52 1.91 7.78 30.54
N TYR A 53 2.78 7.11 29.80
CA TYR A 53 4.22 7.41 29.85
C TYR A 53 4.59 8.48 28.85
N ILE A 54 5.10 9.61 29.33
CA ILE A 54 5.49 10.70 28.44
C ILE A 54 6.88 10.43 27.91
N THR A 55 6.92 10.03 26.64
CA THR A 55 8.16 9.66 25.98
C THR A 55 8.78 10.73 25.10
N THR A 56 8.01 11.73 24.73
CA THR A 56 8.54 12.72 23.82
C THR A 56 8.15 14.17 24.11
N SER A 57 9.09 15.08 23.85
CA SER A 57 8.91 16.53 24.02
C SER A 57 9.69 17.16 22.88
N ILE A 58 9.00 17.54 21.81
CA ILE A 58 9.67 18.14 20.65
C ILE A 58 9.19 19.54 20.32
N LYS A 59 9.89 20.17 19.38
CA LYS A 59 9.55 21.51 18.96
C LYS A 59 9.12 21.55 17.49
N VAL A 60 7.81 21.66 17.27
CA VAL A 60 7.27 21.75 15.92
C VAL A 60 6.91 23.22 15.75
N GLU A 61 5.64 23.52 15.51
CA GLU A 61 5.23 24.91 15.37
C GLU A 61 5.04 25.44 16.78
N ASP A 62 5.02 24.52 17.73
CA ASP A 62 4.86 24.84 19.13
C ASP A 62 5.46 23.67 19.91
N THR A 63 5.63 23.84 21.22
CA THR A 63 6.18 22.78 22.05
C THR A 63 5.14 21.67 22.17
N LEU A 64 5.48 20.46 21.74
CA LEU A 64 4.53 19.35 21.82
C LEU A 64 5.00 18.27 22.76
N VAL A 65 4.10 17.79 23.61
CA VAL A 65 4.44 16.73 24.55
C VAL A 65 3.45 15.62 24.32
N CYS A 66 3.98 14.43 24.08
CA CYS A 66 3.18 13.26 23.78
C CYS A 66 3.41 12.12 24.76
N GLY A 67 2.38 11.29 24.95
CA GLY A 67 2.46 10.18 25.87
C GLY A 67 1.79 8.94 25.32
N THR A 68 2.01 7.81 25.97
CA THR A 68 1.47 6.53 25.52
C THR A 68 0.01 6.24 25.82
N ASN A 69 -0.56 6.94 26.81
CA ASN A 69 -1.95 6.72 27.23
C ASN A 69 -2.15 5.26 27.64
N ASN A 70 -3.39 4.79 27.55
CA ASN A 70 -3.67 3.41 27.92
C ASN A 70 -3.71 2.56 26.66
N GLY A 71 -2.67 2.71 25.85
CA GLY A 71 -2.56 1.96 24.61
C GLY A 71 -3.03 2.76 23.41
N ASN A 72 -3.26 4.06 23.62
CA ASN A 72 -3.70 4.93 22.53
C ASN A 72 -2.92 6.25 22.56
N PRO A 73 -1.74 6.27 21.92
CA PRO A 73 -0.84 7.41 21.82
C PRO A 73 -1.56 8.72 21.52
N LYS A 74 -1.23 9.75 22.30
CA LYS A 74 -1.85 11.06 22.12
C LYS A 74 -0.84 12.15 22.50
N CYS A 75 -0.99 13.32 21.89
CA CYS A 75 -0.12 14.45 22.16
C CYS A 75 -0.91 15.58 22.79
N TRP A 76 -0.22 16.42 23.57
CA TRP A 76 -0.84 17.56 24.22
C TRP A 76 0.12 18.75 24.17
N LYS A 77 -0.39 19.95 24.39
CA LYS A 77 0.43 21.16 24.39
C LYS A 77 1.19 21.27 25.70
N ILE A 78 2.16 22.18 25.79
CA ILE A 78 2.97 22.31 27.00
C ILE A 78 2.16 22.61 28.25
N ASP A 79 1.13 23.44 28.12
CA ASP A 79 0.30 23.78 29.27
C ASP A 79 -1.01 23.01 29.16
N GLY A 80 -0.92 21.68 29.21
CA GLY A 80 -2.10 20.84 29.11
C GLY A 80 -2.67 20.88 27.70
N SER A 81 -3.83 21.49 27.55
CA SER A 81 -4.47 21.63 26.24
C SER A 81 -4.84 20.35 25.52
N GLU A 82 -5.44 20.53 24.35
CA GLU A 82 -5.92 19.44 23.51
C GLU A 82 -5.00 18.99 22.38
N ASP A 83 -4.38 19.94 21.71
CA ASP A 83 -3.51 19.70 20.54
C ASP A 83 -4.42 19.60 19.33
N PRO A 84 -4.54 20.71 18.58
CA PRO A 84 -5.36 20.88 17.37
C PRO A 84 -5.05 19.93 16.22
N LYS A 85 -3.80 19.47 16.14
CA LYS A 85 -3.39 18.59 15.06
C LYS A 85 -3.81 17.13 15.25
N TYR A 86 -4.19 16.77 16.47
CA TYR A 86 -4.63 15.41 16.77
C TYR A 86 -3.61 14.35 16.43
N ARG A 87 -2.34 14.62 16.71
CA ARG A 87 -1.28 13.66 16.42
C ARG A 87 -0.93 12.83 17.64
N GLY A 88 -0.21 11.73 17.40
CA GLY A 88 0.19 10.86 18.50
C GLY A 88 0.64 9.53 17.98
N ARG A 89 0.07 9.13 16.85
CA ARG A 89 0.35 7.87 16.19
C ARG A 89 1.84 7.54 16.14
N GLY A 90 2.63 8.40 15.51
CA GLY A 90 4.06 8.14 15.43
C GLY A 90 4.85 9.05 16.37
N TYR A 91 4.13 9.74 17.24
CA TYR A 91 4.75 10.65 18.19
C TYR A 91 4.95 10.05 19.57
N ALA A 92 4.38 8.87 19.80
CA ALA A 92 4.53 8.17 21.07
C ALA A 92 4.14 6.70 20.88
N PRO A 93 4.86 5.79 21.56
CA PRO A 93 4.61 4.34 21.47
C PRO A 93 3.35 3.89 22.20
N TYR A 94 2.99 2.63 22.01
CA TYR A 94 1.81 2.08 22.65
C TYR A 94 2.21 1.52 24.01
N GLN A 95 3.47 1.12 24.13
CA GLN A 95 3.98 0.56 25.38
C GLN A 95 5.17 1.41 25.86
N ASN A 96 5.47 1.33 27.15
CA ASN A 96 6.59 2.08 27.70
C ASN A 96 7.87 1.50 27.13
N SER A 97 8.59 2.31 26.35
CA SER A 97 9.82 1.86 25.74
C SER A 97 10.73 3.03 25.37
N LYS A 98 11.92 2.70 24.88
CA LYS A 98 12.89 3.70 24.46
C LYS A 98 12.45 4.34 23.16
N VAL A 99 12.70 5.62 23.02
CA VAL A 99 12.30 6.35 21.83
C VAL A 99 13.36 7.31 21.28
N THR A 100 13.46 7.37 19.96
CA THR A 100 14.36 8.30 19.30
C THR A 100 13.50 9.11 18.34
N ILE A 101 13.15 10.32 18.73
CA ILE A 101 12.35 11.20 17.88
C ILE A 101 13.00 12.57 17.88
N ILE A 102 13.21 13.14 16.70
CA ILE A 102 13.85 14.44 16.59
C ILE A 102 13.09 15.34 15.62
N SER A 103 13.16 16.65 15.85
CA SER A 103 12.52 17.65 15.02
C SER A 103 13.57 18.69 14.61
N HIS A 104 13.80 18.88 13.31
CA HIS A 104 14.80 19.86 12.88
C HIS A 104 14.23 21.26 12.93
N ASN A 105 13.58 21.68 11.85
CA ASN A 105 12.97 23.00 11.84
C ASN A 105 11.55 22.79 12.32
N GLU A 106 10.81 21.95 11.62
CA GLU A 106 9.46 21.65 12.03
C GLU A 106 9.16 20.26 11.49
N CYS A 107 10.17 19.70 10.82
CA CYS A 107 10.11 18.36 10.24
C CYS A 107 10.38 17.32 11.32
N VAL A 108 9.46 16.38 11.48
CA VAL A 108 9.61 15.36 12.49
C VAL A 108 10.12 14.05 11.91
N LEU A 109 11.12 13.49 12.59
CA LEU A 109 11.75 12.23 12.20
C LEU A 109 11.66 11.31 13.42
N SER A 110 11.15 10.10 13.23
CA SER A 110 10.96 9.20 14.35
C SER A 110 11.10 7.69 14.07
N ASP A 111 11.37 6.93 15.12
CA ASP A 111 11.51 5.48 15.02
C ASP A 111 10.37 4.83 15.80
N ILE A 112 9.44 5.66 16.30
CA ILE A 112 8.29 5.16 17.05
C ILE A 112 7.35 4.40 16.13
N ASN A 113 6.95 3.20 16.57
CA ASN A 113 6.04 2.36 15.81
C ASN A 113 4.72 3.05 15.49
N ILE A 114 4.31 2.91 14.24
CA ILE A 114 3.11 3.52 13.73
C ILE A 114 1.87 2.65 14.03
N SER A 115 2.09 1.38 14.38
CA SER A 115 1.00 0.47 14.72
C SER A 115 1.43 -0.40 15.90
N LYS A 116 0.46 -1.10 16.49
CA LYS A 116 0.73 -1.95 17.64
C LYS A 116 1.48 -3.23 17.27
N GLU A 117 1.55 -3.53 15.98
CA GLU A 117 2.20 -4.76 15.55
C GLU A 117 3.66 -4.61 15.10
N GLY A 118 4.52 -4.26 16.05
CA GLY A 118 5.94 -4.11 15.78
C GLY A 118 6.37 -3.29 14.57
N ILE A 119 7.03 -3.96 13.64
CA ILE A 119 7.54 -3.37 12.40
C ILE A 119 8.27 -2.04 12.66
N LYS A 120 9.55 -2.16 13.00
CA LYS A 120 10.40 -1.02 13.31
C LYS A 120 10.89 -0.31 12.05
N ARG A 121 10.70 1.00 12.00
CA ARG A 121 11.14 1.80 10.85
C ARG A 121 11.61 3.19 11.28
N TRP A 122 12.44 3.80 10.44
CA TRP A 122 12.88 5.16 10.70
C TRP A 122 12.02 5.96 9.73
N ARG A 123 11.16 6.82 10.26
CA ARG A 123 10.26 7.57 9.40
C ARG A 123 10.38 9.07 9.51
N ARG A 124 9.89 9.72 8.46
CA ARG A 124 9.83 11.17 8.35
C ARG A 124 8.35 11.46 8.06
N PHE A 125 7.69 12.20 8.94
CA PHE A 125 6.27 12.49 8.75
C PHE A 125 6.09 13.68 7.82
N ASP A 126 4.88 13.81 7.30
CA ASP A 126 4.55 14.89 6.38
C ASP A 126 4.71 16.26 7.03
N GLY A 127 5.44 17.14 6.37
CA GLY A 127 5.66 18.48 6.88
C GLY A 127 6.40 19.35 5.88
N PRO A 128 7.19 20.32 6.37
CA PRO A 128 8.00 21.27 5.60
C PRO A 128 9.06 20.64 4.70
N CYS A 129 9.58 19.49 5.12
CA CYS A 129 10.61 18.79 4.38
C CYS A 129 10.08 17.80 3.34
N GLY A 130 8.77 17.59 3.31
CA GLY A 130 8.20 16.67 2.36
C GLY A 130 7.18 15.76 3.03
N TYR A 131 6.60 14.82 2.28
CA TYR A 131 5.60 13.93 2.86
C TYR A 131 6.16 12.72 3.60
N ASP A 132 5.28 11.84 4.06
CA ASP A 132 5.71 10.65 4.80
C ASP A 132 6.74 9.82 4.04
N LEU A 133 7.78 9.39 4.76
CA LEU A 133 8.83 8.55 4.20
C LEU A 133 9.17 7.48 5.25
N TYR A 134 9.46 6.25 4.82
CA TYR A 134 9.80 5.19 5.78
C TYR A 134 10.85 4.25 5.21
N THR A 135 11.63 3.61 6.09
CA THR A 135 12.67 2.69 5.64
C THR A 135 12.11 1.35 5.17
N ALA A 136 12.90 0.64 4.35
CA ALA A 136 12.48 -0.66 3.84
C ALA A 136 12.45 -1.73 4.93
N ASP A 137 11.84 -2.86 4.62
CA ASP A 137 11.72 -3.94 5.59
C ASP A 137 13.05 -4.42 6.16
N ASN A 138 13.05 -4.59 7.47
CA ASN A 138 14.19 -5.10 8.24
C ASN A 138 15.47 -4.26 8.19
N VAL A 139 15.35 -3.04 7.68
CA VAL A 139 16.49 -2.15 7.61
C VAL A 139 16.87 -1.70 9.02
N ILE A 140 15.86 -1.24 9.77
CA ILE A 140 16.07 -0.80 11.14
C ILE A 140 15.80 -1.98 12.07
N PRO A 141 16.74 -2.31 12.95
CA PRO A 141 16.70 -3.41 13.94
C PRO A 141 15.57 -3.26 14.96
N LYS A 142 15.21 -4.37 15.61
CA LYS A 142 14.17 -4.34 16.61
C LYS A 142 14.64 -3.50 17.80
N ASP A 143 15.94 -3.29 17.91
CA ASP A 143 16.47 -2.49 19.02
C ASP A 143 16.16 -1.02 18.75
N GLY A 144 15.93 -0.69 17.48
CA GLY A 144 15.59 0.67 17.11
C GLY A 144 16.78 1.59 16.90
N VAL A 145 16.51 2.86 16.65
CA VAL A 145 17.54 3.88 16.45
C VAL A 145 17.99 4.39 17.82
N ARG A 146 19.30 4.49 18.04
CA ARG A 146 19.79 4.93 19.34
C ARG A 146 20.10 6.42 19.38
N GLY A 147 20.38 7.00 18.22
CA GLY A 147 20.68 8.40 18.18
C GLY A 147 20.46 8.92 16.78
N ALA A 148 20.15 10.20 16.67
CA ALA A 148 19.92 10.79 15.37
C ALA A 148 20.14 12.30 15.44
N PHE A 149 20.62 12.88 14.32
CA PHE A 149 20.87 14.32 14.22
C PHE A 149 20.88 14.78 12.76
N VAL A 150 20.76 16.08 12.55
CA VAL A 150 20.76 16.65 11.21
C VAL A 150 22.04 17.45 11.00
N ASP A 151 22.72 17.19 9.88
CA ASP A 151 23.95 17.91 9.57
C ASP A 151 24.08 18.16 8.07
N LYS A 152 24.69 19.29 7.73
CA LYS A 152 24.90 19.66 6.35
C LYS A 152 26.00 18.84 5.65
N ASP A 153 25.80 18.59 4.36
CA ASP A 153 26.78 17.90 3.53
C ASP A 153 26.68 18.63 2.20
N GLY A 154 27.48 19.68 2.06
CA GLY A 154 27.44 20.48 0.86
C GLY A 154 26.45 21.60 1.10
N THR A 155 25.34 21.58 0.37
CA THR A 155 24.33 22.61 0.52
C THR A 155 23.02 21.98 0.99
N TYR A 156 23.05 20.65 1.07
CA TYR A 156 21.89 19.86 1.46
C TYR A 156 21.97 19.39 2.89
N ASP A 157 20.83 19.36 3.57
CA ASP A 157 20.78 18.86 4.94
C ASP A 157 20.60 17.35 4.90
N LYS A 158 21.26 16.65 5.81
CA LYS A 158 21.16 15.19 5.88
C LYS A 158 20.89 14.72 7.30
N VAL A 159 20.18 13.60 7.40
CA VAL A 159 19.84 13.04 8.70
C VAL A 159 20.75 11.85 8.95
N TYR A 160 21.40 11.85 10.10
CA TYR A 160 22.30 10.77 10.44
C TYR A 160 21.74 10.02 11.65
N ILE A 161 21.70 8.70 11.57
CA ILE A 161 21.20 7.89 12.66
C ILE A 161 22.16 6.78 13.01
N LEU A 162 22.09 6.35 14.27
CA LEU A 162 22.96 5.31 14.75
C LEU A 162 22.11 4.19 15.31
N PHE A 163 22.54 2.96 15.08
CA PHE A 163 21.79 1.81 15.59
C PHE A 163 22.68 0.58 15.58
N THR A 164 22.35 -0.41 16.39
CA THR A 164 23.09 -1.65 16.47
C THR A 164 22.22 -2.76 15.91
N ASP A 165 22.74 -3.42 14.89
CA ASP A 165 22.02 -4.50 14.22
C ASP A 165 22.50 -5.85 14.72
N THR A 166 21.58 -6.78 14.85
CA THR A 166 21.92 -8.14 15.28
C THR A 166 21.80 -9.03 14.05
N ILE A 167 22.85 -9.81 13.79
CA ILE A 167 22.86 -10.73 12.65
C ILE A 167 22.95 -12.16 13.18
N ASP A 168 22.05 -13.02 12.74
CA ASP A 168 22.03 -14.41 13.20
C ASP A 168 22.27 -15.38 12.07
N THR A 169 23.53 -15.53 11.67
CA THR A 169 23.87 -16.44 10.61
C THR A 169 24.23 -17.77 11.26
N LYS A 170 25.44 -17.85 11.81
CA LYS A 170 25.87 -19.05 12.49
C LYS A 170 25.94 -18.73 13.97
N ARG A 171 26.33 -17.49 14.26
CA ARG A 171 26.42 -17.00 15.62
C ARG A 171 25.64 -15.70 15.70
N ILE A 172 25.24 -15.30 16.90
CA ILE A 172 24.51 -14.05 17.08
C ILE A 172 25.54 -12.94 17.23
N VAL A 173 25.64 -12.07 16.22
CA VAL A 173 26.61 -10.97 16.28
C VAL A 173 25.99 -9.57 16.13
N LYS A 174 26.38 -8.67 17.02
CA LYS A 174 25.88 -7.30 17.00
C LYS A 174 26.84 -6.43 16.22
N ILE A 175 26.31 -5.47 15.47
CA ILE A 175 27.14 -4.58 14.65
C ILE A 175 26.62 -3.14 14.72
N PRO A 176 27.50 -2.17 15.04
CA PRO A 176 27.08 -0.77 15.12
C PRO A 176 27.14 -0.11 13.74
N TYR A 177 26.22 0.80 13.46
CA TYR A 177 26.17 1.46 12.15
C TYR A 177 25.79 2.91 12.26
N ILE A 178 26.11 3.68 11.21
CA ILE A 178 25.76 5.09 11.10
C ILE A 178 25.12 5.12 9.71
N ALA A 179 23.90 5.65 9.61
CA ALA A 179 23.25 5.70 8.31
C ALA A 179 22.96 7.14 7.95
N GLN A 180 22.87 7.40 6.65
CA GLN A 180 22.61 8.75 6.19
C GLN A 180 21.44 8.78 5.19
N MET A 181 20.84 9.95 5.05
CA MET A 181 19.72 10.14 4.14
C MET A 181 19.50 11.63 4.02
N CYS A 182 18.91 12.06 2.90
CA CYS A 182 18.65 13.48 2.68
C CYS A 182 17.40 13.93 3.42
N LEU A 183 17.51 15.03 4.16
CA LEU A 183 16.37 15.55 4.91
C LEU A 183 15.19 15.82 4.00
N ASN A 184 15.42 16.38 2.82
CA ASN A 184 14.31 16.67 1.92
C ASN A 184 14.14 15.67 0.78
N ASP A 185 14.45 14.40 1.08
CA ASP A 185 14.34 13.34 0.08
C ASP A 185 12.90 13.19 -0.40
N GLU A 186 12.72 13.24 -1.72
CA GLU A 186 11.39 13.12 -2.31
C GLU A 186 10.78 11.76 -2.00
N GLY A 187 11.53 10.70 -2.27
CA GLY A 187 11.07 9.34 -2.01
C GLY A 187 11.36 8.40 -3.16
N GLY A 188 10.57 7.34 -3.27
CA GLY A 188 10.73 6.36 -4.32
C GLY A 188 10.38 6.91 -5.68
N PRO A 189 10.39 6.05 -6.69
CA PRO A 189 10.07 6.45 -8.06
C PRO A 189 8.87 5.68 -8.61
N SER A 190 8.45 4.65 -7.89
CA SER A 190 7.32 3.83 -8.32
C SER A 190 6.21 4.34 -7.47
N SER A 191 5.09 3.83 -7.75
CA SER A 191 3.89 3.98 -6.94
C SER A 191 4.10 3.32 -5.56
N LEU A 192 4.62 2.10 -5.58
CA LEU A 192 4.87 1.34 -4.37
C LEU A 192 5.99 1.87 -3.48
N SER A 193 7.04 2.40 -4.10
CA SER A 193 8.16 2.92 -3.33
C SER A 193 8.24 4.44 -3.26
N SER A 194 7.16 5.12 -3.61
CA SER A 194 7.18 6.58 -3.56
C SER A 194 7.31 7.15 -2.14
N HIS A 195 7.01 6.33 -1.13
CA HIS A 195 7.10 6.82 0.24
C HIS A 195 8.26 6.26 1.04
N ARG A 196 9.25 5.69 0.36
CA ARG A 196 10.44 5.16 1.01
C ARG A 196 11.67 6.02 0.74
N TRP A 197 12.66 5.93 1.61
CA TRP A 197 13.91 6.69 1.47
C TRP A 197 14.66 6.21 0.22
N SER A 198 15.16 7.15 -0.57
CA SER A 198 15.89 6.80 -1.79
C SER A 198 17.35 7.14 -1.70
N THR A 199 17.78 7.61 -0.54
CA THR A 199 19.16 7.98 -0.35
C THR A 199 19.78 7.35 0.88
N PHE A 200 19.08 6.37 1.45
CA PHE A 200 19.55 5.69 2.66
C PHE A 200 20.77 4.80 2.43
N LEU A 201 21.81 5.02 3.21
CA LEU A 201 23.05 4.24 3.14
C LEU A 201 23.58 4.09 4.57
N LYS A 202 24.32 3.02 4.84
CA LYS A 202 24.88 2.81 6.16
C LYS A 202 26.30 2.25 6.10
N VAL A 203 27.09 2.58 7.13
CA VAL A 203 28.47 2.11 7.24
C VAL A 203 28.69 1.55 8.62
N GLU A 204 29.57 0.57 8.71
CA GLU A 204 29.90 -0.04 9.97
C GLU A 204 30.82 0.90 10.76
N LEU A 205 30.64 0.91 12.08
CA LEU A 205 31.46 1.74 12.96
C LEU A 205 32.39 0.84 13.75
N GLU A 206 33.58 1.34 14.06
CA GLU A 206 34.52 0.56 14.86
C GLU A 206 34.92 1.31 16.13
N CYS A 207 35.02 0.56 17.22
CA CYS A 207 35.45 1.10 18.50
C CYS A 207 36.06 -0.10 19.23
N ASP A 208 37.32 -0.36 18.92
CA ASP A 208 38.11 -1.44 19.52
C ASP A 208 39.28 -0.83 20.28
N ILE A 209 39.65 -1.44 21.40
CA ILE A 209 40.77 -0.91 22.18
C ILE A 209 41.93 -1.90 22.29
N ASP A 210 41.69 -3.03 22.94
CA ASP A 210 42.75 -4.03 23.10
C ASP A 210 42.16 -5.40 22.86
N GLY A 211 41.54 -5.59 21.72
CA GLY A 211 40.92 -6.87 21.42
C GLY A 211 39.45 -6.79 21.78
N ARG A 212 39.08 -5.78 22.57
CA ARG A 212 37.69 -5.57 22.97
C ARG A 212 36.98 -4.84 21.85
N SER A 213 35.99 -5.48 21.25
CA SER A 213 35.23 -4.87 20.16
C SER A 213 33.82 -4.54 20.63
N TYR A 214 33.57 -3.24 20.82
CA TYR A 214 32.28 -2.77 21.29
C TYR A 214 31.26 -2.66 20.16
N ARG A 215 30.07 -3.22 20.39
CA ARG A 215 29.02 -3.26 19.37
C ARG A 215 27.71 -2.57 19.72
N GLN A 216 27.28 -2.71 20.98
CA GLN A 216 26.03 -2.11 21.42
C GLN A 216 26.10 -0.61 21.67
N ILE A 217 25.36 0.17 20.89
CA ILE A 217 25.36 1.62 21.07
C ILE A 217 24.38 2.05 22.15
N ILE A 218 24.79 2.98 23.00
CA ILE A 218 23.94 3.49 24.08
C ILE A 218 23.38 4.88 23.77
N HIS A 219 24.30 5.82 23.56
CA HIS A 219 23.93 7.21 23.38
C HIS A 219 24.90 7.88 22.41
N SER A 220 24.49 8.97 21.79
CA SER A 220 25.36 9.68 20.86
C SER A 220 25.13 11.18 20.95
N LYS A 221 26.16 11.95 20.62
CA LYS A 221 26.07 13.41 20.64
C LYS A 221 26.96 13.97 19.55
N ALA A 222 26.40 14.86 18.74
CA ALA A 222 27.15 15.49 17.66
C ALA A 222 27.43 16.96 17.98
N ILE A 223 28.71 17.32 17.93
CA ILE A 223 29.15 18.69 18.20
C ILE A 223 29.75 19.35 16.96
N LYS A 224 29.18 20.48 16.54
CA LYS A 224 29.71 21.17 15.37
C LYS A 224 30.87 22.06 15.78
N THR A 225 32.00 21.93 15.07
CA THR A 225 33.19 22.72 15.32
C THR A 225 33.53 23.57 14.10
N ASP A 226 34.69 24.24 14.13
CA ASP A 226 35.11 25.09 13.01
C ASP A 226 35.42 24.26 11.77
N ASN A 227 36.20 23.19 11.93
CA ASN A 227 36.57 22.31 10.83
C ASN A 227 35.40 21.45 10.37
N ASP A 228 34.83 20.68 11.29
CA ASP A 228 33.71 19.81 10.96
C ASP A 228 32.82 19.46 12.16
N THR A 229 32.18 18.29 12.10
CA THR A 229 31.31 17.83 13.17
C THR A 229 31.93 16.59 13.82
N ILE A 230 32.03 16.62 15.14
CA ILE A 230 32.59 15.50 15.89
C ILE A 230 31.47 14.74 16.60
N LEU A 231 31.41 13.44 16.32
CA LEU A 231 30.37 12.56 16.86
C LEU A 231 30.87 11.66 17.98
N TYR A 232 30.31 11.86 19.17
CA TYR A 232 30.68 11.07 20.34
C TYR A 232 29.67 9.94 20.50
N VAL A 233 30.17 8.72 20.61
CA VAL A 233 29.30 7.55 20.74
C VAL A 233 29.72 6.69 21.91
N PHE A 234 28.80 6.43 22.83
CA PHE A 234 29.10 5.59 23.98
C PHE A 234 28.57 4.16 23.71
N PHE A 235 29.43 3.16 23.87
CA PHE A 235 29.06 1.76 23.65
C PHE A 235 29.04 0.97 24.94
N ASP A 236 28.24 -0.09 24.96
CA ASP A 236 28.13 -0.95 26.13
C ASP A 236 28.62 -2.33 25.70
N SER A 237 28.76 -3.23 26.67
CA SER A 237 29.20 -4.59 26.39
C SER A 237 28.61 -5.50 27.45
N PRO A 238 28.43 -6.79 27.13
CA PRO A 238 27.87 -7.74 28.10
C PRO A 238 28.90 -8.12 29.15
N TYR A 239 30.04 -7.43 29.12
CA TYR A 239 31.09 -7.70 30.10
C TYR A 239 31.08 -6.64 31.20
N SER A 240 32.26 -6.24 31.65
CA SER A 240 32.38 -5.27 32.73
C SER A 240 32.69 -3.83 32.33
N LYS A 241 33.00 -3.62 31.05
CA LYS A 241 33.34 -2.28 30.60
C LYS A 241 32.41 -1.72 29.55
N SER A 242 32.48 -0.40 29.37
CA SER A 242 31.72 0.30 28.35
C SER A 242 32.84 1.10 27.66
N ALA A 243 32.53 1.90 26.63
CA ALA A 243 33.56 2.67 25.95
C ALA A 243 33.00 3.81 25.12
N LEU A 244 33.81 4.86 24.94
CA LEU A 244 33.40 6.00 24.15
C LEU A 244 34.41 6.26 23.05
N CYS A 245 33.92 6.36 21.82
CA CYS A 245 34.76 6.62 20.67
C CYS A 245 34.24 7.86 19.96
N THR A 246 35.13 8.59 19.29
CA THR A 246 34.74 9.78 18.57
C THR A 246 34.98 9.58 17.08
N TYR A 247 34.19 10.25 16.24
CA TYR A 247 34.35 10.10 14.81
C TYR A 247 34.26 11.43 14.10
N SER A 248 35.01 11.56 13.01
CA SER A 248 34.99 12.79 12.22
C SER A 248 33.86 12.69 11.20
N MET A 249 32.92 13.63 11.24
CA MET A 249 31.82 13.59 10.28
C MET A 249 32.28 13.84 8.88
N ASN A 250 33.39 14.55 8.72
CA ASN A 250 33.96 14.84 7.42
C ASN A 250 34.46 13.52 6.81
N ALA A 251 35.06 12.67 7.65
CA ALA A 251 35.58 11.38 7.20
C ALA A 251 34.41 10.48 6.80
N ILE A 252 33.34 10.53 7.59
CA ILE A 252 32.15 9.73 7.32
C ILE A 252 31.48 10.18 6.01
N LYS A 253 31.39 11.49 5.80
CA LYS A 253 30.76 12.02 4.59
C LYS A 253 31.59 11.62 3.38
N HIS A 254 32.90 11.62 3.54
CA HIS A 254 33.79 11.24 2.45
C HIS A 254 33.52 9.78 2.09
N SER A 255 33.44 8.92 3.10
CA SER A 255 33.19 7.51 2.84
C SER A 255 31.88 7.26 2.08
N PHE A 256 30.76 7.85 2.55
CA PHE A 256 29.45 7.67 1.88
C PHE A 256 29.51 8.19 0.45
N SER A 257 30.32 9.22 0.26
CA SER A 257 30.47 9.87 -1.03
C SER A 257 31.37 9.16 -2.02
N THR A 258 32.41 8.49 -1.53
CA THR A 258 33.36 7.84 -2.43
C THR A 258 33.53 6.33 -2.31
N SER A 259 33.25 5.77 -1.14
CA SER A 259 33.41 4.33 -0.94
C SER A 259 32.43 3.52 -1.77
N LYS A 260 32.84 2.32 -2.19
CA LYS A 260 31.98 1.45 -2.98
C LYS A 260 30.96 0.71 -2.11
N LEU A 261 29.97 0.09 -2.77
CA LEU A 261 28.92 -0.64 -2.09
C LEU A 261 29.25 -2.11 -2.00
N GLY A 262 29.20 -2.66 -0.80
CA GLY A 262 29.51 -4.06 -0.64
C GLY A 262 28.54 -4.94 -1.39
N GLY A 263 29.06 -5.80 -2.26
CA GLY A 263 28.22 -6.70 -3.02
C GLY A 263 27.96 -6.26 -4.45
N TYR A 264 28.22 -4.98 -4.71
CA TYR A 264 27.99 -4.42 -6.04
C TYR A 264 29.34 -4.14 -6.71
N THR A 265 29.64 -4.89 -7.76
CA THR A 265 30.91 -4.74 -8.48
C THR A 265 30.80 -3.90 -9.76
N LYS A 266 29.59 -3.76 -10.28
CA LYS A 266 29.40 -2.98 -11.50
C LYS A 266 29.59 -1.48 -11.26
N GLN A 267 29.49 -0.72 -12.34
CA GLN A 267 29.64 0.74 -12.30
C GLN A 267 28.46 1.42 -11.61
N LEU A 268 28.75 2.44 -10.80
CA LEU A 268 27.68 3.18 -10.13
C LEU A 268 27.18 4.30 -11.04
N PRO A 269 25.86 4.59 -11.01
CA PRO A 269 25.23 5.64 -11.82
C PRO A 269 25.87 7.02 -11.66
N SER A 270 25.77 7.83 -12.72
CA SER A 270 26.34 9.17 -12.74
C SER A 270 26.04 9.89 -11.43
N PRO A 271 24.75 9.98 -11.06
CA PRO A 271 24.43 10.64 -9.78
C PRO A 271 24.49 9.48 -8.77
N ALA A 272 25.52 9.45 -7.92
CA ALA A 272 25.65 8.36 -6.97
C ALA A 272 24.46 8.15 -6.04
N PRO A 273 24.19 6.87 -5.67
CA PRO A 273 23.10 6.44 -4.80
C PRO A 273 22.68 7.32 -3.61
N GLY A 274 23.62 7.67 -2.75
CA GLY A 274 23.25 8.48 -1.59
C GLY A 274 23.45 9.98 -1.71
N ILE A 275 23.35 10.50 -2.92
CA ILE A 275 23.55 11.94 -3.16
C ILE A 275 22.22 12.65 -3.29
N CYS A 276 22.10 13.80 -2.62
CA CYS A 276 20.84 14.54 -2.66
C CYS A 276 20.63 15.20 -4.01
N LEU A 277 19.38 15.22 -4.44
CA LEU A 277 19.01 15.84 -5.71
C LEU A 277 18.28 17.14 -5.42
N PRO A 278 18.28 18.07 -6.40
CA PRO A 278 17.61 19.37 -6.24
C PRO A 278 16.12 19.18 -5.95
N ALA A 279 15.51 20.19 -5.33
CA ALA A 279 14.09 20.13 -5.00
C ALA A 279 13.21 19.84 -6.20
N GLY A 280 12.51 18.71 -6.15
CA GLY A 280 11.62 18.34 -7.24
C GLY A 280 12.13 17.15 -8.03
N LYS A 281 13.44 16.93 -7.99
CA LYS A 281 14.07 15.83 -8.72
C LYS A 281 13.95 14.52 -7.94
N VAL A 282 13.62 13.45 -8.67
CA VAL A 282 13.45 12.13 -8.05
C VAL A 282 14.50 11.11 -8.49
N VAL A 283 14.98 10.34 -7.53
CA VAL A 283 16.00 9.33 -7.79
C VAL A 283 15.47 8.30 -8.78
N PRO A 284 16.23 8.04 -9.86
CA PRO A 284 15.90 7.09 -10.92
C PRO A 284 15.72 5.66 -10.43
N HIS A 285 15.01 4.85 -11.21
CA HIS A 285 14.74 3.45 -10.91
C HIS A 285 16.00 2.61 -10.83
N THR A 286 16.89 2.81 -11.79
CA THR A 286 18.13 2.04 -11.84
C THR A 286 18.95 2.32 -10.60
N THR A 287 18.92 3.56 -10.14
CA THR A 287 19.66 3.94 -8.94
C THR A 287 18.97 3.42 -7.68
N PHE A 288 17.64 3.48 -7.66
CA PHE A 288 16.86 3.02 -6.51
C PHE A 288 16.91 1.50 -6.33
N ASP A 289 17.13 0.78 -7.43
CA ASP A 289 17.21 -0.69 -7.36
C ASP A 289 18.51 -1.11 -6.73
N ILE A 290 19.55 -0.29 -6.94
CA ILE A 290 20.87 -0.60 -6.39
C ILE A 290 20.91 -0.28 -4.90
N ILE A 291 20.46 0.93 -4.57
CA ILE A 291 20.48 1.46 -3.22
C ILE A 291 19.72 0.65 -2.17
N GLU A 292 18.63 0.00 -2.56
CA GLU A 292 17.91 -0.78 -1.57
C GLU A 292 18.51 -2.17 -1.42
N GLN A 293 19.08 -2.69 -2.50
CA GLN A 293 19.67 -4.03 -2.43
C GLN A 293 21.09 -4.00 -1.90
N TYR A 294 21.76 -2.87 -2.10
CA TYR A 294 23.13 -2.66 -1.66
C TYR A 294 23.19 -1.32 -0.94
N ASN A 295 22.70 -1.29 0.29
CA ASN A 295 22.64 -0.05 1.07
C ASN A 295 23.80 0.10 2.04
N GLU A 296 24.64 -0.92 2.14
CA GLU A 296 25.79 -0.86 3.04
C GLU A 296 27.07 -0.65 2.26
N LEU A 297 27.93 0.23 2.78
CA LEU A 297 29.23 0.52 2.17
C LEU A 297 30.24 -0.58 2.41
N ASP A 298 31.21 -0.68 1.51
CA ASP A 298 32.26 -1.68 1.69
C ASP A 298 33.37 -0.95 2.43
N ASP A 299 33.07 -0.55 3.67
CA ASP A 299 34.02 0.17 4.47
C ASP A 299 33.65 0.08 5.95
N ILE A 300 34.58 0.45 6.82
CA ILE A 300 34.35 0.42 8.26
C ILE A 300 35.06 1.66 8.77
N ILE A 301 34.30 2.55 9.41
CA ILE A 301 34.83 3.82 9.93
C ILE A 301 35.61 3.72 11.22
N LYS A 302 36.90 4.05 11.16
CA LYS A 302 37.79 4.04 12.32
C LYS A 302 37.60 5.32 13.12
N PRO A 303 37.70 5.21 14.46
CA PRO A 303 37.52 6.38 15.32
C PRO A 303 38.76 7.30 15.38
N LEU A 304 38.56 8.53 15.80
CA LEU A 304 39.66 9.47 15.96
C LEU A 304 40.50 8.99 17.14
N SER A 305 41.80 9.27 17.08
CA SER A 305 42.74 8.86 18.12
C SER A 305 42.36 9.26 19.55
N GLN A 306 41.71 10.42 19.71
CA GLN A 306 41.30 10.87 21.04
C GLN A 306 40.02 11.70 20.99
N PRO A 307 39.15 11.56 22.01
CA PRO A 307 39.30 10.73 23.21
C PRO A 307 38.74 9.31 23.06
N ILE A 308 39.40 8.35 23.70
CA ILE A 308 38.95 6.97 23.67
C ILE A 308 39.21 6.41 25.06
N PHE A 309 38.15 6.19 25.83
CA PHE A 309 38.31 5.63 27.17
C PHE A 309 37.24 4.57 27.47
N GLU A 310 37.44 3.80 28.53
CA GLU A 310 36.50 2.73 28.89
C GLU A 310 35.93 2.69 30.30
N GLY A 311 35.02 1.74 30.47
CA GLY A 311 34.35 1.45 31.73
C GLY A 311 33.50 2.52 32.36
N PRO A 312 32.47 2.13 33.14
CA PRO A 312 32.09 0.74 33.41
C PRO A 312 30.83 0.39 32.60
N SER A 313 30.50 -0.89 32.53
CA SER A 313 29.32 -1.30 31.79
C SER A 313 28.08 -0.95 32.59
N GLY A 314 27.07 -0.41 31.92
CA GLY A 314 25.84 -0.04 32.59
C GLY A 314 25.54 1.44 32.39
N VAL A 315 26.40 2.12 31.66
CA VAL A 315 26.22 3.54 31.40
C VAL A 315 24.96 3.70 30.57
N LYS A 316 24.16 4.72 30.87
CA LYS A 316 22.93 4.93 30.12
C LYS A 316 22.81 6.30 29.47
N TRP A 317 23.73 7.21 29.78
CA TRP A 317 23.64 8.54 29.21
C TRP A 317 24.94 9.30 29.42
N PHE A 318 25.19 10.27 28.56
CA PHE A 318 26.36 11.11 28.69
C PHE A 318 26.12 12.45 27.98
N ASP A 319 26.89 13.46 28.37
CA ASP A 319 26.79 14.78 27.75
C ASP A 319 28.17 15.42 27.88
N ILE A 320 28.43 16.39 27.00
CA ILE A 320 29.72 17.06 26.97
C ILE A 320 29.61 18.56 27.24
N LYS A 321 30.65 19.10 27.89
CA LYS A 321 30.75 20.52 28.20
C LYS A 321 32.19 20.97 27.92
N GLU A 322 32.37 22.08 27.22
CA GLU A 322 33.69 22.58 26.91
C GLU A 322 34.40 23.06 28.18
N LYS A 323 35.67 22.69 28.31
CA LYS A 323 36.46 23.02 29.49
C LYS A 323 36.93 24.47 29.63
N GLU A 324 36.00 25.36 30.01
CA GLU A 324 36.31 26.78 30.24
C GLU A 324 37.13 27.42 29.10
N ASN A 325 36.48 28.30 28.34
CA ASN A 325 37.14 28.97 27.20
C ASN A 325 38.54 29.46 27.53
N GLU A 326 39.50 28.58 27.29
CA GLU A 326 40.93 28.80 27.51
C GLU A 326 41.53 27.53 26.95
N HIS A 327 40.69 26.49 26.93
CA HIS A 327 41.04 25.19 26.41
C HIS A 327 39.91 24.76 25.48
N ARG A 328 40.24 24.18 24.34
CA ARG A 328 39.23 23.70 23.40
C ARG A 328 39.01 22.23 23.77
N GLU A 329 39.37 21.92 25.02
CA GLU A 329 39.24 20.58 25.59
C GLU A 329 37.85 20.45 26.21
N TYR A 330 37.49 19.24 26.63
CA TYR A 330 36.16 19.00 27.22
C TYR A 330 36.12 18.18 28.50
N ARG A 331 34.95 18.20 29.12
CA ARG A 331 34.68 17.44 30.32
C ARG A 331 33.46 16.60 29.90
N ILE A 332 33.63 15.27 29.94
CA ILE A 332 32.57 14.37 29.56
C ILE A 332 31.89 13.80 30.80
N TYR A 333 30.60 14.08 30.94
CA TYR A 333 29.86 13.58 32.09
C TYR A 333 28.99 12.42 31.66
N PHE A 334 29.09 11.30 32.38
CA PHE A 334 28.29 10.15 32.07
C PHE A 334 27.83 9.52 33.38
N ILE A 335 26.69 8.82 33.35
CA ILE A 335 26.13 8.25 34.58
C ILE A 335 25.71 6.79 34.54
N LYS A 336 25.57 6.19 35.72
CA LYS A 336 25.09 4.82 35.85
C LYS A 336 23.83 4.92 36.71
N GLU A 337 23.47 3.84 37.39
CA GLU A 337 22.28 3.85 38.23
C GLU A 337 22.40 4.82 39.42
N ASN A 338 23.49 4.69 40.18
CA ASN A 338 23.67 5.56 41.33
C ASN A 338 25.03 6.26 41.37
N THR A 339 25.68 6.41 40.22
CA THR A 339 26.99 7.04 40.19
C THR A 339 27.16 8.04 39.07
N ILE A 340 27.78 9.17 39.39
CA ILE A 340 28.06 10.20 38.40
C ILE A 340 29.55 10.14 38.08
N TYR A 341 29.89 10.27 36.81
CA TYR A 341 31.29 10.22 36.39
C TYR A 341 31.66 11.44 35.57
N SER A 342 32.95 11.79 35.59
CA SER A 342 33.45 12.92 34.80
C SER A 342 34.82 12.55 34.26
N PHE A 343 34.98 12.68 32.95
CA PHE A 343 36.23 12.37 32.27
C PHE A 343 36.82 13.64 31.68
N ASP A 344 38.05 13.94 32.06
CA ASP A 344 38.75 15.11 31.55
C ASP A 344 39.56 14.65 30.34
N THR A 345 39.33 15.28 29.19
CA THR A 345 40.03 14.90 27.97
C THR A 345 41.50 15.29 27.92
N LYS A 346 41.86 16.33 28.66
CA LYS A 346 43.23 16.80 28.70
C LYS A 346 44.13 15.89 29.55
N SER A 347 43.70 15.66 30.77
CA SER A 347 44.44 14.83 31.73
C SER A 347 44.11 13.35 31.64
N LYS A 348 42.99 13.03 31.00
CA LYS A 348 42.51 11.66 30.86
C LYS A 348 42.19 11.06 32.22
N GLN A 349 41.77 11.91 33.14
CA GLN A 349 41.42 11.49 34.49
C GLN A 349 39.90 11.31 34.60
N THR A 350 39.49 10.27 35.30
CA THR A 350 38.06 9.99 35.49
C THR A 350 37.71 9.96 36.98
N ARG A 351 36.73 10.76 37.38
CA ARG A 351 36.30 10.81 38.78
C ARG A 351 34.88 10.27 38.92
N SER A 352 34.53 9.85 40.13
CA SER A 352 33.20 9.31 40.36
C SER A 352 32.60 9.85 41.66
N ALA A 353 31.28 9.97 41.68
CA ALA A 353 30.55 10.46 42.85
C ALA A 353 29.28 9.64 43.03
N GLN A 354 29.08 9.12 44.23
CA GLN A 354 27.90 8.31 44.53
C GLN A 354 26.73 9.20 44.95
N VAL A 355 25.52 8.79 44.58
CA VAL A 355 24.32 9.54 44.97
C VAL A 355 23.24 8.57 45.43
N ASP A 356 22.35 9.04 46.31
CA ASP A 356 21.28 8.22 46.84
C ASP A 356 20.03 8.40 45.99
N ALA A 357 20.17 8.21 44.68
CA ALA A 357 19.08 8.37 43.73
C ALA A 357 19.28 7.48 42.51
N ARG A 358 18.20 7.16 41.80
CA ARG A 358 18.28 6.36 40.59
C ARG A 358 18.42 7.34 39.44
N LEU A 359 19.64 7.47 38.93
CA LEU A 359 19.91 8.41 37.84
C LEU A 359 19.35 7.97 36.50
N PHE A 360 18.93 8.96 35.71
CA PHE A 360 18.38 8.71 34.39
C PHE A 360 19.20 9.36 33.25
N SER A 361 19.53 10.64 33.41
CA SER A 361 20.29 11.30 32.36
C SER A 361 21.11 12.51 32.82
N VAL A 362 22.00 12.97 31.94
CA VAL A 362 22.83 14.13 32.19
C VAL A 362 22.63 15.04 30.99
N MET A 363 22.13 16.24 31.22
CA MET A 363 21.89 17.17 30.14
C MET A 363 22.47 18.51 30.54
N VAL A 364 23.56 18.87 29.89
CA VAL A 364 24.29 20.09 30.16
C VAL A 364 23.83 21.33 29.41
N THR A 365 23.55 22.39 30.16
CA THR A 365 23.16 23.67 29.57
C THR A 365 24.35 24.58 29.86
N SER A 366 24.21 25.41 30.90
CA SER A 366 25.29 26.29 31.31
C SER A 366 25.99 25.51 32.42
N LYS A 367 25.22 24.65 33.06
CA LYS A 367 25.72 23.81 34.14
C LYS A 367 25.12 22.42 33.92
N PRO A 368 25.81 21.38 34.38
CA PRO A 368 25.31 20.01 34.23
C PRO A 368 24.09 19.72 35.09
N LEU A 369 23.03 19.24 34.46
CA LEU A 369 21.79 18.90 35.17
C LEU A 369 21.71 17.38 35.24
N PHE A 370 21.38 16.87 36.42
CA PHE A 370 21.28 15.43 36.63
C PHE A 370 19.85 15.04 36.97
N ILE A 371 19.18 14.42 36.00
CA ILE A 371 17.80 13.99 36.16
C ILE A 371 17.70 12.61 36.85
N ALA A 372 17.09 12.59 38.02
CA ALA A 372 16.93 11.38 38.80
C ALA A 372 15.48 11.16 39.21
N ASP A 373 15.22 10.00 39.81
CA ASP A 373 13.88 9.68 40.25
C ASP A 373 13.39 10.63 41.34
N ILE A 374 14.32 11.23 42.08
CA ILE A 374 13.96 12.14 43.18
C ILE A 374 13.76 13.58 42.72
N GLY A 375 14.40 13.94 41.61
CA GLY A 375 14.30 15.29 41.10
C GLY A 375 15.46 15.60 40.17
N ILE A 376 15.86 16.87 40.09
CA ILE A 376 16.99 17.23 39.24
C ILE A 376 18.08 17.96 40.02
N GLY A 377 19.31 17.46 39.91
CA GLY A 377 20.42 18.07 40.61
C GLY A 377 21.24 18.99 39.74
N VAL A 378 21.24 20.28 40.08
CA VAL A 378 21.99 21.27 39.32
C VAL A 378 23.42 21.34 39.84
N GLY A 379 24.37 21.21 38.93
CA GLY A 379 25.77 21.24 39.31
C GLY A 379 26.28 19.87 39.71
N ILE A 380 27.60 19.71 39.73
CA ILE A 380 28.22 18.44 40.08
C ILE A 380 28.62 18.39 41.55
N PRO A 381 28.59 17.19 42.14
CA PRO A 381 28.95 17.00 43.55
C PRO A 381 30.47 16.99 43.64
N ARG A 382 30.99 16.82 44.85
CA ARG A 382 32.43 16.77 45.02
C ARG A 382 32.85 15.38 44.56
N MET A 383 33.69 15.33 43.53
CA MET A 383 34.14 14.06 42.97
C MET A 383 35.59 13.71 43.28
N LYS A 384 35.83 12.42 43.44
CA LYS A 384 37.15 11.90 43.74
C LYS A 384 37.63 11.01 42.60
N LYS A 385 38.95 10.92 42.46
CA LYS A 385 39.56 10.14 41.39
C LYS A 385 39.30 8.64 41.35
N ILE A 386 38.44 8.25 40.41
CA ILE A 386 38.12 6.86 40.16
C ILE A 386 39.08 6.55 39.02
N GLU B 3 -25.82 -5.62 -37.56
CA GLU B 3 -25.22 -4.98 -36.36
C GLU B 3 -23.78 -4.54 -36.59
N PRO B 4 -23.37 -3.45 -35.93
CA PRO B 4 -22.01 -2.88 -36.04
C PRO B 4 -20.91 -3.83 -35.59
N VAL B 5 -19.72 -3.66 -36.16
CA VAL B 5 -18.57 -4.48 -35.81
C VAL B 5 -17.26 -3.73 -36.04
N TRP B 6 -16.30 -4.00 -35.18
CA TRP B 6 -14.98 -3.38 -35.27
C TRP B 6 -13.92 -4.46 -35.16
N ARG B 7 -12.95 -4.45 -36.07
CA ARG B 7 -11.89 -5.46 -36.04
C ARG B 7 -10.52 -4.81 -35.82
N SER B 8 -9.64 -5.57 -35.19
CA SER B 8 -8.28 -5.13 -34.89
C SER B 8 -7.29 -6.18 -35.39
N GLU B 9 -6.05 -5.77 -35.61
CA GLU B 9 -5.02 -6.70 -36.08
C GLU B 9 -4.56 -7.59 -34.94
N GLN B 10 -4.74 -7.10 -33.71
CA GLN B 10 -4.36 -7.84 -32.50
C GLN B 10 -5.56 -8.16 -31.64
N ALA B 11 -5.40 -9.17 -30.79
CA ALA B 11 -6.46 -9.61 -29.88
C ALA B 11 -6.77 -8.47 -28.89
N ILE B 12 -8.04 -8.33 -28.54
CA ILE B 12 -8.48 -7.30 -27.61
C ILE B 12 -8.15 -7.71 -26.18
N GLY B 13 -7.51 -6.79 -25.44
CA GLY B 13 -7.12 -7.08 -24.07
C GLY B 13 -7.99 -6.42 -23.03
N ALA B 14 -8.61 -5.30 -23.40
CA ALA B 14 -9.47 -4.59 -22.47
C ALA B 14 -10.50 -3.78 -23.23
N ILE B 15 -11.67 -3.64 -22.62
CA ILE B 15 -12.78 -2.91 -23.21
C ILE B 15 -13.57 -2.20 -22.11
N ALA B 16 -13.87 -0.93 -22.33
CA ALA B 16 -14.62 -0.12 -21.37
C ALA B 16 -15.37 0.99 -22.13
N ALA B 17 -16.62 1.25 -21.72
CA ALA B 17 -17.41 2.28 -22.40
C ALA B 17 -17.73 3.49 -21.54
N SER B 18 -17.32 4.66 -22.00
CA SER B 18 -17.58 5.91 -21.29
C SER B 18 -19.05 6.32 -21.46
N GLN B 19 -19.56 7.08 -20.49
CA GLN B 19 -20.96 7.52 -20.56
C GLN B 19 -21.23 8.47 -21.72
N GLU B 20 -20.47 9.56 -21.80
CA GLU B 20 -20.66 10.53 -22.87
C GLU B 20 -19.61 10.38 -23.97
N ASP B 21 -18.38 10.04 -23.58
CA ASP B 21 -17.31 9.86 -24.55
C ASP B 21 -17.37 8.45 -25.11
N GLY B 22 -16.73 8.24 -26.25
CA GLY B 22 -16.77 6.93 -26.90
C GLY B 22 -16.40 5.69 -26.13
N VAL B 23 -16.39 4.57 -26.85
CA VAL B 23 -16.03 3.25 -26.30
C VAL B 23 -14.53 3.00 -26.45
N PHE B 24 -13.84 2.76 -25.33
CA PHE B 24 -12.40 2.51 -25.38
C PHE B 24 -12.04 1.03 -25.48
N VAL B 25 -11.19 0.71 -26.45
CA VAL B 25 -10.77 -0.66 -26.68
C VAL B 25 -9.27 -0.72 -26.85
N ALA B 26 -8.66 -1.66 -26.13
CA ALA B 26 -7.22 -1.88 -26.15
C ALA B 26 -6.92 -3.26 -26.76
N SER B 27 -6.08 -3.29 -27.78
CA SER B 27 -5.75 -4.56 -28.42
C SER B 27 -4.32 -5.04 -28.13
N GLY B 28 -3.35 -4.54 -28.89
CA GLY B 28 -1.97 -4.95 -28.66
C GLY B 28 -1.28 -3.98 -27.71
N SER B 29 -0.57 -3.01 -28.27
CA SER B 29 0.11 -2.01 -27.47
C SER B 29 -0.53 -0.64 -27.70
N CYS B 30 -1.76 -0.65 -28.24
CA CYS B 30 -2.51 0.57 -28.53
C CYS B 30 -3.90 0.57 -27.91
N LEU B 31 -4.44 1.77 -27.75
CA LEU B 31 -5.77 1.98 -27.21
C LEU B 31 -6.54 2.76 -28.25
N ASP B 32 -7.76 2.33 -28.55
CA ASP B 32 -8.58 3.02 -29.54
C ASP B 32 -9.86 3.59 -28.95
N GLN B 33 -10.15 4.84 -29.28
CA GLN B 33 -11.38 5.45 -28.82
C GLN B 33 -12.36 5.36 -29.98
N LEU B 34 -13.29 4.41 -29.90
CA LEU B 34 -14.26 4.19 -30.97
C LEU B 34 -15.61 4.84 -30.66
N ASP B 35 -16.37 5.15 -31.72
CA ASP B 35 -17.69 5.73 -31.55
C ASP B 35 -18.58 4.56 -31.14
N TYR B 36 -19.74 4.86 -30.59
CA TYR B 36 -20.66 3.83 -30.15
C TYR B 36 -21.15 2.91 -31.26
N SER B 37 -21.02 3.34 -32.51
CA SER B 37 -21.44 2.55 -33.66
C SER B 37 -20.32 1.63 -34.14
N LEU B 38 -19.20 1.65 -33.42
CA LEU B 38 -18.05 0.80 -33.71
C LEU B 38 -17.52 0.83 -35.13
N GLU B 39 -17.50 1.99 -35.76
CA GLU B 39 -17.01 2.05 -37.13
C GLU B 39 -16.02 3.19 -37.34
N HIS B 40 -16.03 4.17 -36.45
CA HIS B 40 -15.15 5.32 -36.55
C HIS B 40 -14.24 5.47 -35.34
N SER B 41 -12.94 5.30 -35.55
CA SER B 41 -11.98 5.45 -34.46
C SER B 41 -11.64 6.93 -34.30
N LEU B 42 -12.20 7.56 -33.27
CA LEU B 42 -11.99 8.98 -33.01
C LEU B 42 -10.53 9.37 -32.71
N SER B 43 -9.85 8.55 -31.91
CA SER B 43 -8.46 8.81 -31.57
C SER B 43 -7.75 7.51 -31.21
N ARG B 44 -6.41 7.53 -31.23
CA ARG B 44 -5.63 6.35 -30.92
C ARG B 44 -4.45 6.70 -30.03
N LEU B 45 -3.95 5.69 -29.31
CA LEU B 45 -2.82 5.87 -28.41
C LEU B 45 -1.77 4.78 -28.63
N TYR B 46 -0.59 5.19 -29.11
CA TYR B 46 0.51 4.26 -29.33
C TYR B 46 1.33 4.30 -28.04
N ARG B 47 1.11 3.32 -27.18
CA ARG B 47 1.77 3.24 -25.89
C ARG B 47 3.22 2.79 -25.92
N ASP B 48 3.52 1.77 -26.72
CA ASP B 48 4.89 1.28 -26.82
C ASP B 48 5.70 2.13 -27.78
N GLN B 49 5.45 1.98 -29.08
CA GLN B 49 6.16 2.77 -30.08
C GLN B 49 5.13 3.40 -31.00
N ALA B 50 5.44 4.59 -31.50
CA ALA B 50 4.52 5.26 -32.40
C ALA B 50 4.35 4.37 -33.60
N GLY B 51 3.10 4.08 -33.94
CA GLY B 51 2.80 3.26 -35.07
C GLY B 51 2.48 1.86 -34.64
N ASN B 52 3.30 0.98 -35.15
CA ASN B 52 3.14 -0.38 -34.87
C ASN B 52 2.57 -0.76 -33.47
N CYS B 53 1.42 -1.46 -33.49
CA CYS B 53 0.70 -1.90 -32.30
C CYS B 53 0.87 -3.38 -32.11
N THR B 54 1.74 -3.96 -32.92
CA THR B 54 1.99 -5.38 -32.84
C THR B 54 2.54 -5.69 -31.46
N GLU B 55 1.96 -6.72 -30.85
CA GLU B 55 2.37 -7.15 -29.53
C GLU B 55 3.89 -7.19 -29.45
N PRO B 56 4.49 -6.22 -28.74
CA PRO B 56 5.96 -6.16 -28.60
C PRO B 56 6.58 -7.54 -28.37
N VAL B 57 5.79 -8.44 -27.80
CA VAL B 57 6.22 -9.80 -27.53
C VAL B 57 5.11 -10.71 -28.05
N SER B 58 5.09 -11.96 -27.60
CA SER B 58 4.05 -12.88 -28.04
C SER B 58 3.55 -13.68 -26.85
N LEU B 59 2.24 -13.83 -26.75
CA LEU B 59 1.61 -14.57 -25.66
C LEU B 59 0.82 -15.75 -26.22
N ALA B 60 1.04 -16.94 -25.67
CA ALA B 60 0.34 -18.14 -26.13
C ALA B 60 -0.92 -18.43 -25.32
N PRO B 61 -2.11 -18.10 -25.85
CA PRO B 61 -3.40 -18.33 -25.19
C PRO B 61 -3.57 -19.77 -24.76
N PRO B 62 -3.26 -20.08 -23.48
CA PRO B 62 -3.37 -21.43 -22.93
C PRO B 62 -4.78 -22.01 -23.01
N ALA B 63 -5.02 -23.04 -22.19
CA ALA B 63 -6.32 -23.69 -22.14
C ALA B 63 -7.39 -22.62 -22.13
N ARG B 64 -8.54 -22.92 -22.74
CA ARG B 64 -9.60 -21.94 -22.78
C ARG B 64 -10.07 -21.58 -21.38
N PRO B 65 -9.88 -22.49 -20.40
CA PRO B 65 -10.32 -22.13 -19.04
C PRO B 65 -9.26 -21.29 -18.30
N ARG B 66 -7.99 -21.54 -18.62
CA ARG B 66 -6.89 -20.80 -18.02
C ARG B 66 -7.01 -19.31 -18.35
N PRO B 67 -6.58 -18.44 -17.42
CA PRO B 67 -6.64 -16.99 -17.65
C PRO B 67 -5.72 -16.59 -18.79
N GLY B 68 -6.18 -15.66 -19.62
CA GLY B 68 -5.36 -15.26 -20.75
C GLY B 68 -4.28 -14.25 -20.45
N SER B 69 -3.46 -13.95 -21.46
CA SER B 69 -2.38 -13.00 -21.32
C SER B 69 -2.76 -11.74 -22.07
N SER B 70 -2.32 -10.60 -21.55
CA SER B 70 -2.62 -9.32 -22.17
C SER B 70 -1.55 -8.29 -21.80
N PHE B 71 -1.50 -7.21 -22.59
CA PHE B 71 -0.57 -6.11 -22.37
C PHE B 71 -1.30 -4.97 -21.67
N SER B 72 -2.61 -4.87 -21.92
CA SER B 72 -3.43 -3.88 -21.26
C SER B 72 -3.92 -4.54 -19.97
N LYS B 73 -3.70 -3.87 -18.84
CA LYS B 73 -4.10 -4.42 -17.55
C LYS B 73 -5.21 -3.64 -16.87
N LEU B 74 -5.36 -2.37 -17.22
CA LEU B 74 -6.37 -1.58 -16.58
C LEU B 74 -6.93 -0.48 -17.50
N LEU B 75 -8.26 -0.38 -17.55
CA LEU B 75 -8.94 0.61 -18.39
C LEU B 75 -10.17 1.07 -17.62
N LEU B 76 -10.06 2.18 -16.89
CA LEU B 76 -11.18 2.64 -16.10
C LEU B 76 -11.59 4.10 -16.24
N PRO B 77 -12.79 4.34 -16.80
CA PRO B 77 -13.31 5.70 -16.97
C PRO B 77 -13.90 6.10 -15.61
N TYR B 78 -13.60 7.29 -15.11
CA TYR B 78 -14.17 7.72 -13.84
C TYR B 78 -14.40 9.22 -13.82
N ARG B 79 -15.16 9.70 -12.83
CA ARG B 79 -15.52 11.11 -12.69
C ARG B 79 -16.39 11.53 -13.86
N GLU B 80 -17.34 10.67 -14.23
CA GLU B 80 -18.23 10.96 -15.36
C GLU B 80 -19.70 10.96 -14.99
N GLY B 81 -20.00 11.11 -13.69
CA GLY B 81 -21.38 11.11 -13.24
C GLY B 81 -22.20 12.31 -13.67
N ALA B 82 -21.71 13.51 -13.38
CA ALA B 82 -22.41 14.74 -13.74
C ALA B 82 -21.42 15.82 -14.15
N ALA B 83 -21.92 16.83 -14.88
CA ALA B 83 -21.10 17.94 -15.36
C ALA B 83 -20.64 18.88 -14.27
N GLY B 84 -19.41 19.37 -14.41
CA GLY B 84 -18.85 20.29 -13.43
C GLY B 84 -17.44 19.93 -13.00
N LEU B 85 -17.06 18.66 -13.15
CA LEU B 85 -15.73 18.21 -12.75
C LEU B 85 -14.85 17.73 -13.91
N GLY B 86 -15.44 17.05 -14.89
CA GLY B 86 -14.67 16.56 -16.02
C GLY B 86 -14.29 15.09 -15.91
N GLY B 87 -14.41 14.37 -17.02
CA GLY B 87 -14.09 12.96 -17.03
C GLY B 87 -12.62 12.64 -17.07
N LEU B 88 -12.24 11.60 -16.34
CA LEU B 88 -10.85 11.15 -16.26
C LEU B 88 -10.77 9.67 -16.64
N LEU B 89 -9.61 9.25 -17.13
CA LEU B 89 -9.42 7.86 -17.54
C LEU B 89 -8.10 7.26 -17.06
N LEU B 90 -8.18 6.09 -16.44
CA LEU B 90 -7.00 5.39 -15.96
C LEU B 90 -6.61 4.33 -16.97
N THR B 91 -5.37 4.39 -17.47
CA THR B 91 -4.86 3.43 -18.45
C THR B 91 -3.60 2.73 -17.95
N GLY B 92 -3.73 1.45 -17.59
CA GLY B 92 -2.59 0.70 -17.10
C GLY B 92 -2.09 -0.35 -18.07
N TRP B 93 -0.81 -0.71 -17.94
CA TRP B 93 -0.17 -1.69 -18.83
C TRP B 93 0.93 -2.50 -18.15
N THR B 94 1.58 -3.35 -18.93
CA THR B 94 2.69 -4.15 -18.43
C THR B 94 3.96 -3.38 -18.74
N PHE B 95 3.85 -2.44 -19.68
CA PHE B 95 4.97 -1.61 -20.10
C PHE B 95 5.46 -0.74 -18.96
N ASP B 96 6.75 -0.41 -18.98
CA ASP B 96 7.39 0.42 -17.96
C ASP B 96 7.14 -0.07 -16.53
N ARG B 97 7.39 -1.35 -16.30
CA ARG B 97 7.20 -1.98 -15.00
C ARG B 97 5.78 -1.87 -14.48
N GLY B 98 4.81 -2.09 -15.35
CA GLY B 98 3.41 -2.03 -14.94
C GLY B 98 2.94 -0.62 -14.63
N ALA B 99 3.19 0.29 -15.56
CA ALA B 99 2.79 1.67 -15.38
C ALA B 99 1.33 1.95 -15.68
N CYS B 100 0.77 2.95 -15.00
CA CYS B 100 -0.61 3.37 -15.20
C CYS B 100 -0.60 4.89 -15.28
N GLU B 101 -1.40 5.47 -16.17
CA GLU B 101 -1.45 6.92 -16.26
C GLU B 101 -2.87 7.46 -16.23
N VAL B 102 -3.05 8.63 -15.66
CA VAL B 102 -4.35 9.28 -15.61
C VAL B 102 -4.43 10.18 -16.84
N ARG B 103 -5.53 10.07 -17.58
CA ARG B 103 -5.71 10.86 -18.80
C ARG B 103 -7.07 11.51 -18.87
N PRO B 104 -7.19 12.56 -19.69
CA PRO B 104 -8.47 13.23 -19.86
C PRO B 104 -9.38 12.28 -20.63
N LEU B 105 -10.58 12.01 -20.09
CA LEU B 105 -11.51 11.10 -20.73
C LEU B 105 -12.00 11.64 -22.07
N GLY B 106 -11.48 11.06 -23.15
CA GLY B 106 -11.87 11.47 -24.49
C GLY B 106 -10.73 11.28 -25.47
N ASN B 107 -10.27 12.39 -26.03
CA ASN B 107 -9.20 12.37 -27.00
C ASN B 107 -7.90 11.75 -26.53
N LEU B 108 -7.48 10.66 -27.17
CA LEU B 108 -6.26 9.98 -26.78
C LEU B 108 -4.96 10.69 -27.17
N SER B 109 -5.05 11.67 -28.07
CA SER B 109 -3.87 12.41 -28.51
C SER B 109 -3.44 13.43 -27.46
N ARG B 110 -4.25 13.59 -26.42
CA ARG B 110 -3.95 14.55 -25.36
C ARG B 110 -2.87 14.01 -24.42
N ASN B 111 -2.37 14.89 -23.55
CA ASN B 111 -1.33 14.51 -22.61
C ASN B 111 -1.88 13.95 -21.28
N SER B 112 -1.17 12.96 -20.73
CA SER B 112 -1.57 12.35 -19.48
C SER B 112 -1.20 13.30 -18.35
N LEU B 113 -2.04 13.38 -17.33
CA LEU B 113 -1.81 14.26 -16.19
C LEU B 113 -0.76 13.70 -15.24
N ARG B 114 -1.08 12.59 -14.59
CA ARG B 114 -0.16 11.93 -13.68
C ARG B 114 0.04 10.51 -14.16
N ASN B 115 1.17 9.93 -13.77
CA ASN B 115 1.42 8.55 -14.13
C ASN B 115 2.44 7.98 -13.15
N GLY B 116 2.37 6.66 -12.94
CA GLY B 116 3.29 6.02 -12.03
C GLY B 116 3.56 4.58 -12.45
N THR B 117 4.68 4.05 -11.97
CA THR B 117 5.08 2.69 -12.29
C THR B 117 4.72 1.76 -11.12
N GLU B 118 4.76 0.46 -11.37
CA GLU B 118 4.44 -0.54 -10.34
C GLU B 118 3.02 -0.40 -9.80
N VAL B 119 2.17 0.26 -10.57
CA VAL B 119 0.78 0.45 -10.21
C VAL B 119 0.03 -0.83 -10.60
N VAL B 120 0.45 -1.41 -11.71
CA VAL B 120 -0.17 -2.59 -12.26
C VAL B 120 0.86 -3.71 -12.45
N SER B 121 0.38 -4.93 -12.67
CA SER B 121 1.26 -6.07 -12.90
C SER B 121 2.05 -5.90 -14.19
N CYS B 122 3.36 -6.06 -14.11
CA CYS B 122 4.24 -5.91 -15.26
C CYS B 122 4.29 -7.18 -16.14
N HIS B 123 3.67 -8.25 -15.66
CA HIS B 123 3.67 -9.51 -16.40
C HIS B 123 2.45 -9.62 -17.30
N PRO B 124 2.67 -10.03 -18.57
CA PRO B 124 1.56 -10.18 -19.52
C PRO B 124 0.50 -11.16 -19.04
N GLN B 125 0.94 -12.24 -18.40
CA GLN B 125 0.02 -13.26 -17.90
C GLN B 125 -0.48 -12.98 -16.48
N GLY B 126 0.10 -11.98 -15.83
CA GLY B 126 -0.30 -11.62 -14.48
C GLY B 126 -1.66 -10.93 -14.42
N SER B 127 -2.40 -11.22 -13.36
CA SER B 127 -3.73 -10.67 -13.16
C SER B 127 -3.73 -9.23 -12.67
N THR B 128 -4.82 -8.52 -12.94
CA THR B 128 -4.98 -7.14 -12.47
C THR B 128 -6.43 -6.75 -12.50
N ALA B 129 -6.89 -6.17 -11.40
CA ALA B 129 -8.26 -5.71 -11.30
C ALA B 129 -8.26 -4.51 -10.38
N GLY B 130 -8.81 -3.40 -10.88
CA GLY B 130 -8.88 -2.18 -10.09
C GLY B 130 -10.22 -1.46 -10.17
N VAL B 131 -10.48 -0.61 -9.20
CA VAL B 131 -11.73 0.16 -9.13
C VAL B 131 -11.49 1.47 -8.41
N VAL B 132 -12.12 2.55 -8.88
CA VAL B 132 -11.96 3.86 -8.25
C VAL B 132 -13.06 4.09 -7.21
N TYR B 133 -12.70 4.73 -6.10
CA TYR B 133 -13.67 5.02 -5.03
C TYR B 133 -13.36 6.36 -4.37
N ARG B 134 -14.21 6.77 -3.42
CA ARG B 134 -14.03 8.05 -2.73
C ARG B 134 -13.78 7.76 -1.26
N ALA B 135 -12.86 8.50 -0.65
CA ALA B 135 -12.53 8.31 0.76
C ALA B 135 -11.81 9.53 1.32
N GLY B 136 -11.78 9.62 2.64
CA GLY B 136 -11.11 10.74 3.28
C GLY B 136 -12.02 11.86 3.76
N ARG B 137 -11.42 12.90 4.31
CA ARG B 137 -12.16 14.07 4.81
C ARG B 137 -12.79 14.81 3.64
N ASN B 138 -11.99 15.08 2.62
CA ASN B 138 -12.45 15.81 1.45
C ASN B 138 -13.16 14.88 0.46
N ASN B 139 -13.19 13.59 0.78
CA ASN B 139 -13.84 12.60 -0.06
C ASN B 139 -13.17 12.57 -1.42
N ARG B 140 -11.85 12.41 -1.41
CA ARG B 140 -11.04 12.37 -2.62
C ARG B 140 -11.12 11.03 -3.35
N TRP B 141 -10.66 11.04 -4.61
CA TRP B 141 -10.68 9.84 -5.45
C TRP B 141 -9.46 8.94 -5.27
N TYR B 142 -9.72 7.67 -4.96
CA TYR B 142 -8.64 6.71 -4.76
C TYR B 142 -8.84 5.51 -5.64
N LEU B 143 -7.74 4.87 -6.00
CA LEU B 143 -7.79 3.68 -6.83
C LEU B 143 -7.31 2.46 -6.01
N ALA B 144 -8.05 1.37 -6.06
CA ALA B 144 -7.66 0.18 -5.33
C ALA B 144 -7.29 -0.85 -6.39
N VAL B 145 -6.06 -1.32 -6.37
CA VAL B 145 -5.59 -2.28 -7.36
C VAL B 145 -5.10 -3.62 -6.78
N ALA B 146 -5.60 -4.71 -7.34
CA ALA B 146 -5.20 -6.05 -6.92
C ALA B 146 -4.51 -6.67 -8.14
N ALA B 147 -3.25 -7.04 -7.99
CA ALA B 147 -2.51 -7.62 -9.10
C ALA B 147 -1.51 -8.68 -8.68
N THR B 148 -1.13 -9.51 -9.65
CA THR B 148 -0.12 -10.54 -9.42
C THR B 148 1.17 -9.85 -9.86
N TYR B 149 1.76 -9.09 -8.94
CA TYR B 149 2.98 -8.34 -9.21
C TYR B 149 4.26 -9.15 -9.31
N VAL B 150 4.32 -10.25 -8.56
CA VAL B 150 5.50 -11.09 -8.56
C VAL B 150 5.33 -12.45 -9.21
N LEU B 151 6.13 -12.71 -10.23
CA LEU B 151 6.12 -13.97 -10.94
C LEU B 151 7.56 -14.36 -11.25
N PRO B 152 7.84 -15.67 -11.30
CA PRO B 152 9.18 -16.19 -11.60
C PRO B 152 9.71 -15.71 -12.95
N GLU B 153 10.73 -14.86 -12.91
CA GLU B 153 11.34 -14.33 -14.13
C GLU B 153 12.85 -14.59 -14.12
N PRO B 154 13.38 -15.08 -15.26
CA PRO B 154 14.79 -15.41 -15.44
C PRO B 154 15.80 -14.25 -15.52
N GLU B 155 15.88 -13.63 -16.69
CA GLU B 155 16.80 -12.53 -16.95
C GLU B 155 16.54 -11.28 -16.12
N THR B 156 17.61 -10.72 -15.57
CA THR B 156 17.53 -9.51 -14.75
C THR B 156 17.54 -8.25 -15.61
N ALA B 157 17.70 -8.43 -16.93
CA ALA B 157 17.71 -7.32 -17.87
C ALA B 157 16.30 -6.78 -18.03
N SER B 158 15.33 -7.65 -17.82
CA SER B 158 13.92 -7.31 -17.92
C SER B 158 13.28 -7.21 -16.53
N ARG B 159 13.83 -7.97 -15.59
CA ARG B 159 13.35 -8.04 -14.21
C ARG B 159 12.47 -6.85 -13.83
N CYS B 160 11.17 -7.09 -13.72
CA CYS B 160 10.25 -6.02 -13.36
C CYS B 160 9.54 -6.24 -12.01
N ASN B 161 9.81 -7.37 -11.37
CA ASN B 161 9.23 -7.65 -10.07
C ASN B 161 9.56 -6.52 -9.09
N PRO B 162 8.58 -6.10 -8.28
CA PRO B 162 8.77 -5.03 -7.29
C PRO B 162 9.85 -5.36 -6.26
N ALA B 163 10.29 -4.34 -5.53
CA ALA B 163 11.33 -4.47 -4.50
C ALA B 163 10.97 -5.46 -3.40
N ALA B 164 12.00 -5.89 -2.65
CA ALA B 164 11.83 -6.84 -1.57
C ALA B 164 10.77 -6.45 -0.54
N SER B 165 10.67 -5.16 -0.23
CA SER B 165 9.69 -4.68 0.75
C SER B 165 8.28 -4.75 0.19
N ASP B 166 8.19 -4.83 -1.13
CA ASP B 166 6.90 -4.89 -1.81
C ASP B 166 6.63 -6.26 -2.43
N HIS B 167 7.49 -7.22 -2.12
CA HIS B 167 7.37 -8.57 -2.65
C HIS B 167 6.04 -9.27 -2.31
N ASP B 168 5.48 -8.97 -1.14
CA ASP B 168 4.24 -9.60 -0.72
C ASP B 168 2.96 -8.79 -0.93
N THR B 169 3.06 -7.61 -1.55
CA THR B 169 1.87 -6.79 -1.74
C THR B 169 0.93 -7.36 -2.81
N ALA B 170 -0.33 -7.49 -2.42
CA ALA B 170 -1.38 -8.04 -3.26
C ALA B 170 -2.34 -6.95 -3.72
N ILE B 171 -2.87 -6.20 -2.77
CA ILE B 171 -3.79 -5.11 -3.10
C ILE B 171 -3.17 -3.80 -2.57
N ALA B 172 -3.17 -2.75 -3.40
CA ALA B 172 -2.60 -1.46 -3.01
C ALA B 172 -3.54 -0.29 -3.31
N LEU B 173 -3.55 0.70 -2.43
CA LEU B 173 -4.42 1.87 -2.60
C LEU B 173 -3.61 3.06 -3.11
N LYS B 174 -4.09 3.66 -4.19
CA LYS B 174 -3.37 4.78 -4.80
C LYS B 174 -4.18 6.07 -4.76
N ASP B 175 -3.46 7.17 -4.58
CA ASP B 175 -4.10 8.47 -4.58
C ASP B 175 -3.97 8.99 -6.02
N THR B 176 -5.10 9.22 -6.68
CA THR B 176 -5.11 9.69 -8.06
C THR B 176 -4.53 11.09 -8.27
N GLU B 177 -4.65 11.96 -7.27
CA GLU B 177 -4.12 13.32 -7.37
C GLU B 177 -2.65 13.33 -6.93
N GLY B 178 -2.24 12.27 -6.22
CA GLY B 178 -0.88 12.17 -5.75
C GLY B 178 0.10 11.88 -6.87
N ARG B 179 1.36 12.26 -6.67
CA ARG B 179 2.41 12.04 -7.66
C ARG B 179 2.78 10.58 -7.75
N SER B 180 2.95 10.08 -8.97
CA SER B 180 3.31 8.69 -9.21
C SER B 180 2.25 7.73 -8.68
N LEU B 181 1.03 8.25 -8.51
CA LEU B 181 -0.11 7.47 -7.98
C LEU B 181 0.34 6.78 -6.70
N ALA B 182 1.03 7.54 -5.86
CA ALA B 182 1.60 7.08 -4.61
C ALA B 182 0.76 6.19 -3.69
N THR B 183 1.41 5.17 -3.14
CA THR B 183 0.80 4.25 -2.20
C THR B 183 1.51 4.50 -0.88
N GLN B 184 0.72 4.70 0.17
CA GLN B 184 1.21 4.97 1.53
C GLN B 184 1.72 3.68 2.21
N GLU B 185 2.41 3.82 3.33
CA GLU B 185 2.90 2.66 4.05
C GLU B 185 1.78 1.70 4.46
N LEU B 186 0.70 2.25 5.02
CA LEU B 186 -0.42 1.43 5.46
C LEU B 186 -1.53 1.31 4.43
N GLY B 187 -1.18 1.55 3.18
CA GLY B 187 -2.17 1.48 2.13
C GLY B 187 -2.05 0.23 1.29
N ARG B 188 -1.63 -0.88 1.88
CA ARG B 188 -1.50 -2.10 1.11
C ARG B 188 -1.87 -3.38 1.89
N LEU B 189 -2.35 -4.37 1.17
CA LEU B 189 -2.70 -5.65 1.78
C LEU B 189 -1.64 -6.62 1.31
N LYS B 190 -1.06 -7.41 2.22
CA LYS B 190 -0.02 -8.34 1.82
C LYS B 190 -0.47 -9.80 1.72
N LEU B 191 0.20 -10.52 0.83
CA LEU B 191 -0.06 -11.93 0.60
C LEU B 191 0.62 -12.82 1.63
N CYS B 192 -0.03 -13.91 2.00
CA CYS B 192 0.57 -14.85 2.93
C CYS B 192 1.59 -15.62 2.11
N GLU B 193 2.77 -15.82 2.68
CA GLU B 193 3.85 -16.50 2.00
C GLU B 193 3.62 -17.97 1.66
N GLY B 194 4.35 -18.45 0.66
CA GLY B 194 4.26 -19.84 0.23
C GLY B 194 2.93 -20.31 -0.31
N ALA B 195 1.90 -19.47 -0.20
CA ALA B 195 0.57 -19.84 -0.68
C ALA B 195 0.51 -19.86 -2.21
N GLY B 196 1.63 -19.54 -2.85
CA GLY B 196 1.68 -19.51 -4.30
C GLY B 196 1.16 -18.17 -4.78
N SER B 197 0.55 -18.14 -5.94
CA SER B 197 0.02 -16.88 -6.46
C SER B 197 -1.50 -16.83 -6.38
N LEU B 198 -2.02 -15.61 -6.37
CA LEU B 198 -3.44 -15.33 -6.32
C LEU B 198 -3.82 -14.68 -7.65
N HIS B 199 -4.87 -15.15 -8.28
CA HIS B 199 -5.30 -14.57 -9.55
C HIS B 199 -6.57 -13.74 -9.35
N PHE B 200 -6.43 -12.42 -9.41
CA PHE B 200 -7.61 -11.59 -9.23
C PHE B 200 -8.41 -11.48 -10.51
N VAL B 201 -9.73 -11.62 -10.36
CA VAL B 201 -10.64 -11.57 -11.48
C VAL B 201 -11.32 -10.22 -11.68
N ASP B 202 -11.74 -9.59 -10.58
CA ASP B 202 -12.47 -8.34 -10.68
C ASP B 202 -12.26 -7.48 -9.42
N ALA B 203 -12.84 -6.30 -9.41
CA ALA B 203 -12.78 -5.39 -8.27
C ALA B 203 -14.02 -4.50 -8.32
N PHE B 204 -14.82 -4.51 -7.27
CA PHE B 204 -16.01 -3.70 -7.26
C PHE B 204 -16.42 -3.17 -5.88
N LEU B 205 -17.19 -2.09 -5.91
CA LEU B 205 -17.71 -1.41 -4.73
C LEU B 205 -19.09 -1.93 -4.44
N TRP B 206 -19.47 -2.00 -3.17
CA TRP B 206 -20.80 -2.45 -2.87
C TRP B 206 -21.48 -1.73 -1.72
N ASN B 207 -21.03 -2.01 -0.50
CA ASN B 207 -21.68 -1.40 0.64
C ASN B 207 -20.63 -0.91 1.63
N GLY B 208 -19.99 0.20 1.24
CA GLY B 208 -18.94 0.82 2.03
C GLY B 208 -17.62 0.05 1.95
N SER B 209 -17.58 -1.02 1.17
CA SER B 209 -16.38 -1.83 1.04
C SER B 209 -16.01 -2.11 -0.41
N ILE B 210 -14.77 -2.55 -0.61
CA ILE B 210 -14.29 -2.91 -1.94
C ILE B 210 -14.14 -4.42 -1.94
N TYR B 211 -14.65 -5.08 -2.97
CA TYR B 211 -14.59 -6.53 -3.07
C TYR B 211 -13.73 -6.98 -4.22
N PHE B 212 -12.91 -8.00 -3.95
CA PHE B 212 -12.00 -8.54 -4.96
C PHE B 212 -12.16 -10.04 -5.15
N PRO B 213 -12.89 -10.42 -6.20
CA PRO B 213 -13.11 -11.84 -6.52
C PRO B 213 -11.77 -12.41 -7.02
N TYR B 214 -11.36 -13.57 -6.51
CA TYR B 214 -10.10 -14.18 -6.95
C TYR B 214 -10.04 -15.67 -6.66
N TYR B 215 -8.92 -16.28 -7.01
CA TYR B 215 -8.71 -17.70 -6.75
C TYR B 215 -7.23 -18.05 -6.81
N PRO B 216 -6.76 -18.88 -5.86
CA PRO B 216 -5.36 -19.31 -5.80
C PRO B 216 -5.02 -19.95 -7.14
N TYR B 217 -3.92 -19.53 -7.74
CA TYR B 217 -3.53 -20.03 -9.04
C TYR B 217 -2.03 -20.14 -9.26
N ASN B 218 -1.67 -21.27 -9.67
CA ASN B 218 -0.27 -21.56 -9.98
C ASN B 218 -0.06 -21.25 -11.45
N TYR B 219 0.61 -20.15 -11.75
CA TYR B 219 0.85 -19.76 -13.14
C TYR B 219 1.87 -20.63 -13.87
N THR B 220 2.73 -21.33 -13.13
CA THR B 220 3.75 -22.18 -13.73
C THR B 220 3.12 -23.49 -14.21
N SER B 221 2.35 -24.13 -13.33
CA SER B 221 1.71 -25.39 -13.67
C SER B 221 0.39 -25.17 -14.43
N GLY B 222 -0.26 -24.04 -14.16
CA GLY B 222 -1.52 -23.74 -14.83
C GLY B 222 -2.72 -24.37 -14.16
N ALA B 223 -2.65 -24.51 -12.84
CA ALA B 223 -3.73 -25.13 -12.09
C ALA B 223 -4.12 -24.30 -10.87
N ALA B 224 -5.38 -24.40 -10.47
CA ALA B 224 -5.89 -23.67 -9.32
C ALA B 224 -5.47 -24.42 -8.05
N THR B 225 -4.81 -23.71 -7.15
CA THR B 225 -4.34 -24.30 -5.90
C THR B 225 -5.22 -23.88 -4.73
N GLY B 226 -6.53 -23.93 -4.93
CA GLY B 226 -7.42 -23.54 -3.85
C GLY B 226 -8.86 -23.29 -4.26
N TRP B 227 -9.60 -22.62 -3.39
CA TRP B 227 -11.00 -22.32 -3.63
C TRP B 227 -11.21 -20.85 -4.04
N PRO B 228 -12.10 -20.58 -5.01
CA PRO B 228 -12.36 -19.20 -5.45
C PRO B 228 -12.93 -18.42 -4.27
N SER B 229 -12.40 -17.23 -4.03
CA SER B 229 -12.88 -16.44 -2.90
C SER B 229 -13.06 -14.96 -3.25
N MET B 230 -13.45 -14.20 -2.23
CA MET B 230 -13.63 -12.77 -2.40
C MET B 230 -13.01 -12.09 -1.18
N ALA B 231 -12.17 -11.08 -1.41
CA ALA B 231 -11.56 -10.35 -0.30
C ALA B 231 -12.33 -9.06 -0.08
N ARG B 232 -12.48 -8.65 1.19
CA ARG B 232 -13.22 -7.43 1.50
C ARG B 232 -12.34 -6.44 2.25
N ILE B 233 -12.41 -5.18 1.84
CA ILE B 233 -11.63 -4.11 2.41
C ILE B 233 -12.51 -2.89 2.52
N ALA B 234 -12.31 -2.11 3.57
CA ALA B 234 -13.12 -0.92 3.77
C ALA B 234 -12.79 0.15 2.72
N GLN B 235 -13.76 0.99 2.40
CA GLN B 235 -13.51 2.06 1.45
C GLN B 235 -12.90 3.22 2.24
N SER B 236 -11.58 3.17 2.42
CA SER B 236 -10.86 4.20 3.16
C SER B 236 -9.51 4.50 2.52
N THR B 237 -8.81 5.47 3.06
CA THR B 237 -7.52 5.88 2.54
C THR B 237 -6.41 4.88 2.88
N GLU B 238 -6.59 4.13 3.96
CA GLU B 238 -5.60 3.13 4.35
C GLU B 238 -6.30 1.78 4.34
N VAL B 239 -5.54 0.73 4.06
CA VAL B 239 -6.12 -0.60 4.00
C VAL B 239 -6.65 -1.12 5.31
N LEU B 240 -7.91 -1.51 5.31
CA LEU B 240 -8.55 -2.10 6.48
C LEU B 240 -9.16 -3.45 6.03
N PHE B 241 -8.43 -4.54 6.25
CA PHE B 241 -8.91 -5.87 5.88
C PHE B 241 -10.16 -6.23 6.68
N GLN B 242 -11.24 -6.58 5.99
CA GLN B 242 -12.48 -6.91 6.67
C GLN B 242 -12.87 -8.37 6.59
N GLY B 243 -12.20 -9.15 5.76
CA GLY B 243 -12.54 -10.55 5.69
C GLY B 243 -12.30 -11.25 4.37
N GLN B 244 -12.44 -12.57 4.41
CA GLN B 244 -12.24 -13.43 3.27
C GLN B 244 -13.27 -14.56 3.31
N ALA B 245 -13.93 -14.83 2.19
CA ALA B 245 -14.91 -15.89 2.13
C ALA B 245 -14.78 -16.69 0.84
N SER B 246 -14.92 -18.01 0.96
CA SER B 246 -14.82 -18.88 -0.20
C SER B 246 -16.16 -18.94 -0.92
N LEU B 247 -16.09 -19.05 -2.24
CA LEU B 247 -17.27 -19.13 -3.10
C LEU B 247 -17.46 -20.58 -3.57
N ASP B 248 -18.57 -21.20 -3.19
CA ASP B 248 -18.86 -22.59 -3.59
C ASP B 248 -19.85 -22.72 -4.75
N CYS B 249 -19.33 -23.06 -5.93
CA CYS B 249 -20.18 -23.23 -7.12
C CYS B 249 -19.76 -24.50 -7.86
N GLY B 250 -19.75 -25.62 -7.14
CA GLY B 250 -19.41 -26.89 -7.72
C GLY B 250 -20.64 -27.76 -7.57
N HIS B 251 -21.77 -27.20 -7.98
CA HIS B 251 -23.06 -27.87 -7.88
C HIS B 251 -23.26 -29.11 -8.74
N GLY B 252 -23.35 -28.92 -10.04
CA GLY B 252 -23.58 -30.06 -10.92
C GLY B 252 -22.33 -30.81 -11.35
N HIS B 253 -21.19 -30.45 -10.76
CA HIS B 253 -19.95 -31.11 -11.12
C HIS B 253 -19.44 -31.95 -9.96
N PRO B 254 -19.07 -33.21 -10.24
CA PRO B 254 -18.56 -34.13 -9.22
C PRO B 254 -17.18 -33.77 -8.67
N ASP B 255 -16.39 -33.06 -9.48
CA ASP B 255 -15.05 -32.66 -9.04
C ASP B 255 -14.96 -31.20 -8.61
N GLY B 256 -16.08 -30.47 -8.74
CA GLY B 256 -16.09 -29.08 -8.34
C GLY B 256 -15.50 -28.13 -9.36
N ARG B 257 -15.69 -26.84 -9.12
CA ARG B 257 -15.18 -25.80 -10.02
C ARG B 257 -14.28 -24.86 -9.25
N ARG B 258 -13.01 -24.81 -9.63
CA ARG B 258 -12.04 -23.96 -8.95
C ARG B 258 -11.59 -22.72 -9.71
N LEU B 259 -12.08 -22.51 -10.92
CA LEU B 259 -11.66 -21.33 -11.68
C LEU B 259 -12.84 -20.36 -11.86
N LEU B 260 -12.60 -19.09 -11.59
CA LEU B 260 -13.64 -18.09 -11.78
C LEU B 260 -13.21 -17.38 -13.05
N LEU B 261 -14.08 -17.40 -14.06
CA LEU B 261 -13.79 -16.81 -15.36
C LEU B 261 -14.35 -15.42 -15.56
N SER B 262 -15.55 -15.17 -15.06
CA SER B 262 -16.17 -13.86 -15.23
C SER B 262 -16.87 -13.41 -13.97
N SER B 263 -16.99 -12.09 -13.82
CA SER B 263 -17.59 -11.50 -12.63
C SER B 263 -18.52 -10.34 -12.95
N SER B 264 -19.69 -10.32 -12.33
CA SER B 264 -20.62 -9.23 -12.54
C SER B 264 -21.53 -8.98 -11.35
N LEU B 265 -21.49 -7.77 -10.83
CA LEU B 265 -22.33 -7.40 -9.71
C LEU B 265 -23.62 -6.78 -10.23
N VAL B 266 -24.75 -7.28 -9.74
CA VAL B 266 -26.05 -6.77 -10.11
C VAL B 266 -26.42 -5.74 -9.04
N GLU B 267 -26.06 -4.49 -9.31
CA GLU B 267 -26.27 -3.38 -8.37
C GLU B 267 -27.67 -3.15 -7.80
N ALA B 268 -28.69 -3.24 -8.65
CA ALA B 268 -30.05 -3.02 -8.18
C ALA B 268 -30.60 -4.21 -7.40
N LEU B 269 -29.84 -5.30 -7.34
CA LEU B 269 -30.30 -6.51 -6.66
C LEU B 269 -29.42 -6.90 -5.48
N ASP B 270 -28.22 -6.33 -5.45
CA ASP B 270 -27.24 -6.61 -4.41
C ASP B 270 -26.85 -8.08 -4.46
N VAL B 271 -26.74 -8.58 -5.68
CA VAL B 271 -26.38 -9.97 -5.89
C VAL B 271 -25.27 -10.06 -6.91
N TRP B 272 -24.26 -10.86 -6.61
CA TRP B 272 -23.11 -11.04 -7.49
C TRP B 272 -23.20 -12.27 -8.35
N ALA B 273 -22.92 -12.10 -9.64
CA ALA B 273 -22.92 -13.21 -10.58
C ALA B 273 -21.51 -13.60 -11.00
N GLY B 274 -21.22 -14.89 -10.97
CA GLY B 274 -19.91 -15.37 -11.37
C GLY B 274 -19.97 -16.59 -12.25
N VAL B 275 -19.08 -16.68 -13.24
CA VAL B 275 -19.06 -17.84 -14.09
C VAL B 275 -17.89 -18.70 -13.62
N PHE B 276 -18.20 -19.88 -13.10
CA PHE B 276 -17.19 -20.80 -12.59
C PHE B 276 -16.97 -21.96 -13.56
N SER B 277 -15.76 -22.52 -13.55
CA SER B 277 -15.45 -23.64 -14.42
C SER B 277 -14.41 -24.58 -13.82
N ALA B 278 -14.44 -25.84 -14.24
CA ALA B 278 -13.49 -26.84 -13.77
C ALA B 278 -12.36 -26.84 -14.78
N ALA B 279 -11.39 -27.74 -14.61
CA ALA B 279 -10.27 -27.84 -15.53
C ALA B 279 -10.71 -28.47 -16.86
N ALA B 280 -10.07 -28.07 -17.95
CA ALA B 280 -10.39 -28.61 -19.28
C ALA B 280 -9.29 -29.57 -19.72
N GLY B 281 -8.76 -30.35 -18.79
CA GLY B 281 -7.68 -31.26 -19.11
C GLY B 281 -6.48 -30.36 -19.33
N GLU B 282 -6.24 -30.01 -20.59
CA GLU B 282 -5.14 -29.10 -20.95
C GLU B 282 -5.51 -28.48 -22.30
N GLY B 283 -5.64 -29.34 -23.31
CA GLY B 283 -6.02 -28.87 -24.62
C GLY B 283 -7.47 -28.44 -24.59
N GLN B 284 -8.34 -29.37 -24.18
CA GLN B 284 -9.78 -29.15 -24.08
C GLN B 284 -10.39 -30.53 -23.80
N GLU B 285 -9.52 -31.44 -23.38
CA GLU B 285 -9.81 -32.84 -23.07
C GLU B 285 -11.09 -33.14 -22.27
N ARG B 286 -10.99 -33.00 -20.95
CA ARG B 286 -12.09 -33.29 -20.04
C ARG B 286 -13.27 -32.31 -20.16
N ARG B 287 -13.86 -32.19 -21.34
CA ARG B 287 -15.00 -31.29 -21.53
C ARG B 287 -16.29 -32.04 -21.22
N SER B 288 -17.21 -31.38 -20.54
CA SER B 288 -18.46 -32.01 -20.17
C SER B 288 -19.61 -31.00 -20.03
N PRO B 289 -20.85 -31.44 -20.24
CA PRO B 289 -21.99 -30.52 -20.12
C PRO B 289 -22.19 -30.00 -18.70
N THR B 290 -21.22 -30.26 -17.82
CA THR B 290 -21.32 -29.80 -16.45
C THR B 290 -20.05 -29.13 -15.95
N THR B 291 -19.12 -28.83 -16.85
CA THR B 291 -17.87 -28.21 -16.45
C THR B 291 -17.99 -26.75 -16.01
N THR B 292 -18.88 -25.98 -16.64
CA THR B 292 -19.04 -24.58 -16.24
C THR B 292 -20.41 -24.35 -15.63
N ALA B 293 -20.52 -23.27 -14.87
CA ALA B 293 -21.78 -22.93 -14.25
C ALA B 293 -21.86 -21.47 -13.86
N LEU B 294 -23.09 -20.98 -13.76
CA LEU B 294 -23.35 -19.60 -13.36
C LEU B 294 -23.93 -19.65 -11.97
N CYS B 295 -23.32 -18.91 -11.04
CA CYS B 295 -23.83 -18.88 -9.68
C CYS B 295 -24.04 -17.45 -9.20
N LEU B 296 -25.15 -17.25 -8.52
CA LEU B 296 -25.51 -15.95 -7.97
C LEU B 296 -25.38 -15.99 -6.45
N PHE B 297 -24.55 -15.10 -5.91
CA PHE B 297 -24.35 -15.03 -4.47
C PHE B 297 -24.94 -13.75 -3.88
N ARG B 298 -25.56 -13.86 -2.70
CA ARG B 298 -26.12 -12.68 -2.05
C ARG B 298 -24.95 -11.96 -1.42
N MET B 299 -24.78 -10.68 -1.77
CA MET B 299 -23.67 -9.90 -1.23
C MET B 299 -23.73 -9.77 0.30
N SER B 300 -24.95 -9.75 0.85
CA SER B 300 -25.13 -9.65 2.29
C SER B 300 -24.62 -10.92 2.98
N GLU B 301 -24.66 -12.04 2.27
CA GLU B 301 -24.17 -13.29 2.84
C GLU B 301 -22.65 -13.32 2.76
N ILE B 302 -22.09 -12.69 1.72
CA ILE B 302 -20.64 -12.64 1.57
C ILE B 302 -20.06 -11.77 2.68
N GLN B 303 -20.68 -10.61 2.90
CA GLN B 303 -20.24 -9.68 3.92
C GLN B 303 -20.31 -10.30 5.31
N ALA B 304 -21.37 -11.07 5.55
CA ALA B 304 -21.60 -11.71 6.83
C ALA B 304 -20.64 -12.87 7.09
N ARG B 305 -20.25 -13.59 6.05
CA ARG B 305 -19.37 -14.73 6.21
C ARG B 305 -17.88 -14.47 6.01
N ALA B 306 -17.53 -13.26 5.59
CA ALA B 306 -16.12 -12.90 5.40
C ALA B 306 -15.56 -12.53 6.77
N LYS B 307 -14.63 -13.34 7.27
CA LYS B 307 -14.02 -13.13 8.57
C LYS B 307 -12.56 -12.64 8.46
N ARG B 308 -12.14 -11.79 9.39
CA ARG B 308 -10.77 -11.25 9.37
C ARG B 308 -9.76 -12.29 9.82
N VAL B 309 -9.75 -13.44 9.16
CA VAL B 309 -8.82 -14.51 9.48
C VAL B 309 -7.66 -14.46 8.49
N SER B 310 -6.47 -14.84 8.92
CA SER B 310 -5.32 -14.84 8.04
C SER B 310 -5.16 -16.18 7.33
N TRP B 311 -5.44 -16.19 6.03
CA TRP B 311 -5.33 -17.40 5.24
C TRP B 311 -4.56 -17.16 3.95
N ASP B 312 -5.02 -16.17 3.18
CA ASP B 312 -4.35 -15.82 1.93
C ASP B 312 -3.71 -14.47 2.15
N PHE B 313 -4.13 -13.79 3.21
CA PHE B 313 -3.61 -12.46 3.53
C PHE B 313 -3.09 -12.36 4.95
N LYS B 314 -2.05 -11.55 5.13
CA LYS B 314 -1.46 -11.35 6.44
C LYS B 314 -2.33 -10.46 7.33
N THR B 315 -2.44 -10.82 8.61
CA THR B 315 -3.22 -10.06 9.57
C THR B 315 -2.34 -9.63 10.73
N ALA B 316 -2.95 -8.98 11.71
CA ALA B 316 -2.23 -8.48 12.88
C ALA B 316 -1.87 -9.51 13.94
N GLU B 317 -2.86 -10.27 14.40
CA GLU B 317 -2.62 -11.26 15.45
C GLU B 317 -2.69 -12.72 15.03
N SER B 318 -2.49 -12.98 13.75
CA SER B 318 -2.49 -14.33 13.23
C SER B 318 -1.42 -14.38 12.17
N HIS B 319 -0.65 -15.47 12.16
CA HIS B 319 0.40 -15.61 11.18
C HIS B 319 -0.16 -15.87 9.79
N CYS B 320 -0.14 -17.12 9.37
CA CYS B 320 -0.67 -17.47 8.07
C CYS B 320 -1.11 -18.91 8.07
N LYS B 321 -2.41 -19.11 7.90
CA LYS B 321 -3.02 -20.44 7.88
C LYS B 321 -2.87 -21.18 9.20
N GLU B 322 -2.45 -20.47 10.24
CA GLU B 322 -2.30 -21.07 11.57
C GLU B 322 -3.48 -20.63 12.44
N GLY B 323 -4.69 -21.00 12.02
CA GLY B 323 -5.89 -20.65 12.75
C GLY B 323 -7.13 -21.21 12.10
N ASP B 324 -8.20 -20.42 12.05
CA ASP B 324 -9.45 -20.85 11.45
C ASP B 324 -9.42 -20.82 9.93
N GLN B 325 -10.31 -21.58 9.31
CA GLN B 325 -10.40 -21.62 7.86
C GLN B 325 -11.47 -20.65 7.40
N PRO B 326 -11.37 -20.17 6.16
CA PRO B 326 -12.35 -19.23 5.60
C PRO B 326 -13.71 -19.94 5.46
N GLU B 327 -14.78 -19.22 5.74
CA GLU B 327 -16.12 -19.80 5.62
C GLU B 327 -16.57 -19.86 4.18
N ARG B 328 -17.34 -20.91 3.85
CA ARG B 328 -17.86 -21.08 2.50
C ARG B 328 -19.25 -20.48 2.39
N VAL B 329 -19.59 -20.02 1.20
CA VAL B 329 -20.89 -19.40 0.95
C VAL B 329 -21.61 -20.13 -0.18
N GLN B 330 -22.90 -20.38 0.01
CA GLN B 330 -23.72 -21.05 -1.00
C GLN B 330 -24.35 -19.99 -1.91
N PRO B 331 -24.48 -20.30 -3.21
CA PRO B 331 -25.01 -19.46 -4.29
C PRO B 331 -26.50 -19.42 -4.63
N ILE B 332 -27.39 -19.43 -3.64
CA ILE B 332 -28.83 -19.40 -3.96
C ILE B 332 -29.27 -20.58 -4.85
N ALA B 333 -29.95 -21.56 -4.26
CA ALA B 333 -30.41 -22.72 -5.00
C ALA B 333 -31.35 -22.38 -6.15
N SER B 334 -31.37 -23.26 -7.14
CA SER B 334 -32.23 -23.13 -8.32
C SER B 334 -31.97 -21.89 -9.16
N SER B 335 -30.98 -21.10 -8.78
CA SER B 335 -30.64 -19.89 -9.52
C SER B 335 -29.40 -20.22 -10.36
N THR B 336 -28.83 -21.39 -10.10
CA THR B 336 -27.65 -21.89 -10.76
C THR B 336 -27.96 -22.39 -12.17
N LEU B 337 -27.10 -22.02 -13.12
CA LEU B 337 -27.24 -22.46 -14.50
C LEU B 337 -26.02 -23.31 -14.88
N ILE B 338 -26.22 -24.63 -15.00
CA ILE B 338 -25.11 -25.50 -15.40
C ILE B 338 -25.04 -25.52 -16.91
N HIS B 339 -23.84 -25.33 -17.44
CA HIS B 339 -23.65 -25.32 -18.88
C HIS B 339 -22.31 -25.96 -19.21
N SER B 340 -22.10 -26.30 -20.48
CA SER B 340 -20.86 -26.95 -20.86
C SER B 340 -19.68 -26.01 -21.03
N ASP B 341 -19.92 -24.82 -21.56
CA ASP B 341 -18.83 -23.89 -21.80
C ASP B 341 -19.17 -22.40 -21.69
N LEU B 342 -19.34 -21.91 -20.46
CA LEU B 342 -19.64 -20.51 -20.23
C LEU B 342 -18.32 -19.79 -20.00
N THR B 343 -18.23 -18.53 -20.40
CA THR B 343 -16.98 -17.78 -20.24
C THR B 343 -17.16 -16.32 -19.81
N SER B 344 -18.36 -15.79 -19.95
CA SER B 344 -18.61 -14.40 -19.60
C SER B 344 -20.03 -14.18 -19.06
N VAL B 345 -20.21 -13.13 -18.28
CA VAL B 345 -21.52 -12.83 -17.70
C VAL B 345 -21.69 -11.36 -17.34
N TYR B 346 -22.92 -10.88 -17.48
CA TYR B 346 -23.30 -9.52 -17.11
C TYR B 346 -24.76 -9.56 -16.67
N GLY B 347 -25.03 -9.03 -15.49
CA GLY B 347 -26.40 -9.03 -15.00
C GLY B 347 -26.95 -7.66 -14.61
N THR B 348 -28.24 -7.45 -14.87
CA THR B 348 -28.95 -6.22 -14.53
C THR B 348 -30.41 -6.54 -14.26
N VAL B 349 -31.13 -5.50 -13.84
CA VAL B 349 -32.57 -5.58 -13.55
C VAL B 349 -33.21 -4.61 -14.53
N VAL B 350 -34.18 -5.09 -15.30
CA VAL B 350 -34.83 -4.24 -16.29
C VAL B 350 -36.10 -3.59 -15.76
N MET B 351 -37.19 -4.35 -15.73
CA MET B 351 -38.44 -3.82 -15.23
C MET B 351 -38.36 -4.08 -13.75
N ASN B 352 -38.17 -5.35 -13.44
CA ASN B 352 -38.08 -5.73 -12.07
C ASN B 352 -37.54 -7.15 -12.00
N ARG B 353 -37.26 -7.66 -13.19
CA ARG B 353 -36.74 -9.00 -13.36
C ARG B 353 -35.23 -8.94 -13.56
N THR B 354 -34.54 -9.98 -13.10
CA THR B 354 -33.10 -10.06 -13.23
C THR B 354 -32.72 -10.67 -14.57
N VAL B 355 -31.94 -9.94 -15.34
CA VAL B 355 -31.51 -10.37 -16.66
C VAL B 355 -30.03 -10.70 -16.70
N LEU B 356 -29.70 -11.90 -17.15
CA LEU B 356 -28.31 -12.32 -17.22
C LEU B 356 -27.89 -12.66 -18.63
N PHE B 357 -26.85 -12.01 -19.09
CA PHE B 357 -26.30 -12.26 -20.42
C PHE B 357 -25.07 -13.15 -20.24
N LEU B 358 -25.01 -14.24 -20.98
CA LEU B 358 -23.90 -15.17 -20.88
C LEU B 358 -23.13 -15.33 -22.19
N GLY B 359 -21.81 -15.49 -22.06
CA GLY B 359 -20.97 -15.68 -23.21
C GLY B 359 -20.52 -17.12 -23.16
N THR B 360 -20.23 -17.70 -24.32
CA THR B 360 -19.77 -19.09 -24.38
C THR B 360 -18.47 -19.21 -25.18
N GLY B 361 -17.85 -20.40 -25.11
CA GLY B 361 -16.61 -20.63 -25.82
C GLY B 361 -16.77 -20.78 -27.33
N ASP B 362 -18.00 -20.94 -27.80
CA ASP B 362 -18.27 -21.07 -29.23
C ASP B 362 -18.93 -19.84 -29.83
N GLY B 363 -18.79 -18.71 -29.16
CA GLY B 363 -19.34 -17.47 -29.67
C GLY B 363 -20.82 -17.19 -29.53
N GLN B 364 -21.49 -17.80 -28.56
CA GLN B 364 -22.91 -17.55 -28.36
C GLN B 364 -23.18 -16.55 -27.25
N LEU B 365 -24.18 -15.69 -27.44
CA LEU B 365 -24.54 -14.73 -26.41
C LEU B 365 -25.92 -15.17 -25.94
N LEU B 366 -25.96 -15.78 -24.77
CA LEU B 366 -27.17 -16.31 -24.19
C LEU B 366 -27.85 -15.28 -23.30
N LYS B 367 -29.11 -15.51 -22.98
CA LYS B 367 -29.85 -14.59 -22.12
C LYS B 367 -30.77 -15.37 -21.20
N VAL B 368 -30.66 -15.11 -19.90
CA VAL B 368 -31.49 -15.79 -18.91
C VAL B 368 -32.27 -14.79 -18.06
N ILE B 369 -33.58 -14.99 -18.00
CA ILE B 369 -34.43 -14.11 -17.19
C ILE B 369 -34.94 -14.87 -15.97
N LEU B 370 -34.61 -14.36 -14.79
CA LEU B 370 -35.02 -15.00 -13.54
C LEU B 370 -36.46 -14.66 -13.18
N GLY B 371 -37.17 -15.64 -12.65
CA GLY B 371 -38.56 -15.43 -12.29
C GLY B 371 -38.89 -15.00 -10.87
N GLU B 372 -39.68 -15.83 -10.20
CA GLU B 372 -40.14 -15.57 -8.84
C GLU B 372 -39.01 -15.40 -7.83
N ASN B 373 -38.51 -16.53 -7.38
CA ASN B 373 -37.45 -16.60 -6.40
C ASN B 373 -36.10 -16.63 -7.03
N LEU B 374 -35.91 -15.78 -8.03
CA LEU B 374 -34.65 -15.73 -8.74
C LEU B 374 -34.40 -17.08 -9.43
N THR B 375 -35.47 -17.77 -9.79
CA THR B 375 -35.34 -19.06 -10.45
C THR B 375 -34.95 -18.88 -11.92
N SER B 376 -34.03 -19.73 -12.39
CA SER B 376 -33.54 -19.65 -13.76
C SER B 376 -34.38 -20.40 -14.78
N ASN B 377 -34.54 -19.78 -15.95
CA ASN B 377 -35.30 -20.36 -17.04
C ASN B 377 -34.32 -20.87 -18.09
N CYS B 378 -34.83 -21.42 -19.19
CA CYS B 378 -33.97 -21.92 -20.25
C CYS B 378 -33.42 -20.73 -21.02
N PRO B 379 -32.10 -20.69 -21.19
CA PRO B 379 -31.42 -19.60 -21.90
C PRO B 379 -31.82 -19.47 -23.37
N GLU B 380 -31.92 -18.23 -23.83
CA GLU B 380 -32.25 -17.95 -25.21
C GLU B 380 -31.01 -17.47 -25.94
N VAL B 381 -30.76 -18.02 -27.13
CA VAL B 381 -29.61 -17.60 -27.92
C VAL B 381 -29.97 -16.32 -28.66
N ILE B 382 -29.34 -15.23 -28.25
CA ILE B 382 -29.59 -13.92 -28.84
C ILE B 382 -28.71 -13.64 -30.05
N TYR B 383 -27.49 -14.16 -30.03
CA TYR B 383 -26.57 -13.94 -31.13
C TYR B 383 -25.51 -15.01 -31.17
N GLU B 384 -25.02 -15.28 -32.38
CA GLU B 384 -24.00 -16.28 -32.58
C GLU B 384 -22.92 -15.72 -33.49
N ILE B 385 -21.67 -16.03 -33.16
CA ILE B 385 -20.53 -15.56 -33.93
C ILE B 385 -20.22 -16.59 -35.01
N LYS B 386 -20.10 -16.11 -36.24
CA LYS B 386 -19.80 -16.96 -37.38
C LYS B 386 -18.57 -17.85 -37.18
N GLU B 387 -17.47 -17.25 -36.76
CA GLU B 387 -16.22 -17.97 -36.56
C GLU B 387 -16.18 -18.80 -35.28
N GLU B 388 -17.20 -18.63 -34.42
CA GLU B 388 -17.29 -19.35 -33.15
C GLU B 388 -16.15 -19.04 -32.17
N THR B 389 -15.76 -17.77 -32.16
CA THR B 389 -14.70 -17.25 -31.30
C THR B 389 -15.18 -17.17 -29.85
N PRO B 390 -14.40 -17.74 -28.90
CA PRO B 390 -14.84 -17.65 -27.50
C PRO B 390 -15.02 -16.20 -27.05
N VAL B 391 -16.08 -15.95 -26.30
CA VAL B 391 -16.41 -14.61 -25.83
C VAL B 391 -15.51 -14.09 -24.70
N PHE B 392 -15.07 -12.84 -24.84
CA PHE B 392 -14.22 -12.16 -23.87
C PHE B 392 -14.96 -12.14 -22.52
N TYR B 393 -14.21 -12.34 -21.44
CA TYR B 393 -14.80 -12.40 -20.10
C TYR B 393 -15.47 -11.13 -19.60
N LYS B 394 -15.44 -10.06 -20.39
CA LYS B 394 -16.10 -8.84 -19.99
C LYS B 394 -17.18 -8.45 -21.00
N LEU B 395 -18.43 -8.47 -20.55
CA LEU B 395 -19.57 -8.08 -21.37
C LEU B 395 -19.92 -6.67 -20.91
N VAL B 396 -19.78 -5.70 -21.79
CA VAL B 396 -20.03 -4.31 -21.47
C VAL B 396 -21.32 -3.74 -22.05
N PRO B 397 -22.19 -3.21 -21.19
CA PRO B 397 -23.44 -2.65 -21.69
C PRO B 397 -23.23 -1.26 -22.33
N ASP B 398 -24.20 -0.84 -23.15
CA ASP B 398 -24.13 0.48 -23.79
C ASP B 398 -24.64 1.51 -22.78
N PRO B 399 -23.81 2.50 -22.42
CA PRO B 399 -24.25 3.52 -21.45
C PRO B 399 -25.29 4.51 -21.99
N VAL B 400 -25.30 4.72 -23.31
CA VAL B 400 -26.25 5.63 -23.97
C VAL B 400 -27.59 4.92 -24.23
N LYS B 401 -27.54 3.86 -25.02
CA LYS B 401 -28.73 3.07 -25.36
C LYS B 401 -28.85 1.85 -24.46
N ASN B 402 -29.99 1.72 -23.79
CA ASN B 402 -30.25 0.60 -22.91
C ASN B 402 -30.47 -0.70 -23.69
N ILE B 403 -30.81 -0.58 -24.97
CA ILE B 403 -31.10 -1.76 -25.81
C ILE B 403 -29.87 -2.46 -26.39
N TYR B 404 -28.69 -1.93 -26.12
CA TYR B 404 -27.46 -2.50 -26.65
C TYR B 404 -26.48 -3.06 -25.62
N ILE B 405 -25.69 -4.03 -26.06
CA ILE B 405 -24.66 -4.65 -25.23
C ILE B 405 -23.47 -4.96 -26.14
N TYR B 406 -22.26 -4.65 -25.68
CA TYR B 406 -21.07 -4.90 -26.48
C TYR B 406 -20.53 -6.30 -26.30
N LEU B 407 -20.45 -7.03 -27.40
CA LEU B 407 -19.93 -8.38 -27.39
C LEU B 407 -18.52 -8.38 -27.94
N THR B 408 -17.58 -8.86 -27.13
CA THR B 408 -16.18 -8.91 -27.53
C THR B 408 -15.71 -10.34 -27.64
N ALA B 409 -14.90 -10.63 -28.65
CA ALA B 409 -14.37 -11.98 -28.85
C ALA B 409 -13.18 -11.93 -29.79
N GLY B 410 -12.04 -12.44 -29.34
CA GLY B 410 -10.84 -12.43 -30.18
C GLY B 410 -10.39 -11.03 -30.53
N LYS B 411 -10.52 -10.66 -31.80
CA LYS B 411 -10.10 -9.35 -32.26
C LYS B 411 -11.29 -8.47 -32.66
N GLU B 412 -12.50 -8.97 -32.41
CA GLU B 412 -13.71 -8.24 -32.79
C GLU B 412 -14.63 -7.79 -31.65
N VAL B 413 -15.20 -6.60 -31.84
CA VAL B 413 -16.14 -6.03 -30.89
C VAL B 413 -17.41 -5.75 -31.69
N ARG B 414 -18.54 -6.26 -31.21
CA ARG B 414 -19.81 -6.05 -31.90
C ARG B 414 -20.82 -5.36 -30.99
N ARG B 415 -21.74 -4.64 -31.63
CA ARG B 415 -22.81 -3.95 -30.90
C ARG B 415 -24.06 -4.78 -31.11
N ILE B 416 -24.43 -5.55 -30.09
CA ILE B 416 -25.59 -6.42 -30.17
C ILE B 416 -26.81 -5.89 -29.40
N ARG B 417 -27.99 -6.10 -29.99
CA ARG B 417 -29.25 -5.70 -29.37
C ARG B 417 -29.56 -6.74 -28.30
N VAL B 418 -29.95 -6.25 -27.12
CA VAL B 418 -30.24 -7.11 -25.99
C VAL B 418 -31.36 -8.13 -26.17
N ALA B 419 -32.20 -7.96 -27.18
CA ALA B 419 -33.30 -8.89 -27.41
C ALA B 419 -33.83 -8.82 -28.82
N ASN B 420 -34.42 -9.90 -29.30
CA ASN B 420 -35.00 -9.94 -30.63
C ASN B 420 -36.51 -9.94 -30.43
N CYS B 421 -37.10 -8.73 -30.42
CA CYS B 421 -38.54 -8.58 -30.18
C CYS B 421 -39.41 -8.80 -31.41
N ASN B 422 -38.96 -8.29 -32.55
CA ASN B 422 -39.71 -8.41 -33.79
C ASN B 422 -39.89 -9.85 -34.28
N LYS B 423 -39.11 -10.78 -33.75
CA LYS B 423 -39.24 -12.18 -34.19
C LYS B 423 -40.63 -12.71 -33.83
N HIS B 424 -41.23 -12.13 -32.80
CA HIS B 424 -42.57 -12.52 -32.35
C HIS B 424 -43.60 -11.74 -33.18
N LYS B 425 -44.62 -12.44 -33.69
CA LYS B 425 -45.63 -11.79 -34.52
C LYS B 425 -47.05 -11.81 -33.96
N SER B 426 -47.18 -12.09 -32.67
CA SER B 426 -48.46 -12.15 -32.01
C SER B 426 -48.32 -11.58 -30.61
N CYS B 427 -49.39 -10.96 -30.11
CA CYS B 427 -49.36 -10.39 -28.78
C CYS B 427 -49.15 -11.45 -27.71
N SER B 428 -50.01 -12.47 -27.71
CA SER B 428 -49.90 -13.54 -26.72
C SER B 428 -48.59 -14.30 -26.89
N GLU B 429 -48.23 -14.55 -28.14
CA GLU B 429 -47.02 -15.28 -28.47
C GLU B 429 -45.77 -14.54 -28.00
N CYS B 430 -45.88 -13.22 -27.89
CA CYS B 430 -44.75 -12.44 -27.46
C CYS B 430 -44.66 -12.18 -25.97
N LEU B 431 -45.81 -11.96 -25.33
CA LEU B 431 -45.80 -11.70 -23.90
C LEU B 431 -45.63 -12.98 -23.07
N THR B 432 -45.78 -14.14 -23.68
CA THR B 432 -45.61 -15.38 -22.95
C THR B 432 -44.11 -15.69 -22.83
N ALA B 433 -43.33 -15.03 -23.68
CA ALA B 433 -41.88 -15.19 -23.71
C ALA B 433 -41.24 -14.56 -22.45
N THR B 434 -42.01 -13.71 -21.79
CA THR B 434 -41.59 -13.01 -20.58
C THR B 434 -40.22 -12.36 -20.63
N ASP B 435 -40.03 -11.47 -21.60
CA ASP B 435 -38.77 -10.73 -21.73
C ASP B 435 -39.09 -9.26 -21.52
N PRO B 436 -38.66 -8.71 -20.38
CA PRO B 436 -38.87 -7.30 -19.98
C PRO B 436 -38.46 -6.24 -20.99
N HIS B 437 -37.63 -6.61 -21.95
CA HIS B 437 -37.19 -5.66 -22.96
C HIS B 437 -38.24 -5.53 -24.06
N CYS B 438 -38.99 -6.60 -24.26
CA CYS B 438 -40.01 -6.64 -25.31
C CYS B 438 -41.42 -6.44 -24.82
N GLY B 439 -42.21 -5.81 -25.70
CA GLY B 439 -43.61 -5.54 -25.42
C GLY B 439 -44.42 -5.40 -26.71
N TRP B 440 -45.70 -5.74 -26.64
CA TRP B 440 -46.53 -5.63 -27.83
C TRP B 440 -47.00 -4.19 -28.06
N CYS B 441 -46.62 -3.63 -29.20
CA CYS B 441 -47.00 -2.26 -29.56
C CYS B 441 -48.32 -2.35 -30.32
N HIS B 442 -49.40 -1.93 -29.65
CA HIS B 442 -50.73 -2.00 -30.24
C HIS B 442 -50.89 -1.24 -31.53
N SER B 443 -50.35 -0.02 -31.57
CA SER B 443 -50.48 0.82 -32.75
C SER B 443 -49.77 0.30 -33.99
N LEU B 444 -48.73 -0.50 -33.81
CA LEU B 444 -48.01 -1.01 -34.97
C LEU B 444 -48.21 -2.51 -35.16
N GLN B 445 -48.92 -3.12 -34.22
CA GLN B 445 -49.18 -4.56 -34.26
C GLN B 445 -47.87 -5.36 -34.39
N ARG B 446 -46.87 -4.95 -33.61
CA ARG B 446 -45.57 -5.63 -33.59
C ARG B 446 -45.01 -5.65 -32.18
N CYS B 447 -44.17 -6.64 -31.88
CA CYS B 447 -43.56 -6.71 -30.56
C CYS B 447 -42.25 -5.97 -30.70
N THR B 448 -42.06 -4.95 -29.87
CA THR B 448 -40.90 -4.10 -29.93
C THR B 448 -40.38 -3.68 -28.56
N PHE B 449 -39.31 -2.87 -28.57
CA PHE B 449 -38.73 -2.34 -27.33
C PHE B 449 -39.64 -1.16 -26.93
N GLN B 450 -39.53 -0.73 -25.69
CA GLN B 450 -40.33 0.38 -25.21
C GLN B 450 -40.07 1.64 -26.03
N GLY B 451 -38.83 1.83 -26.45
CA GLY B 451 -38.45 3.02 -27.22
C GLY B 451 -38.91 3.05 -28.67
N ASP B 452 -39.17 1.87 -29.24
CA ASP B 452 -39.62 1.76 -30.63
C ASP B 452 -41.13 2.02 -30.75
N CYS B 453 -41.83 1.95 -29.63
CA CYS B 453 -43.28 2.15 -29.63
C CYS B 453 -43.63 3.55 -29.13
N VAL B 454 -44.59 4.20 -29.79
CA VAL B 454 -45.00 5.55 -29.40
C VAL B 454 -45.84 5.53 -28.13
N HIS B 455 -45.51 6.41 -27.19
CA HIS B 455 -46.22 6.48 -25.93
C HIS B 455 -47.09 7.73 -25.77
N SER B 456 -48.21 7.56 -25.08
CA SER B 456 -49.15 8.63 -24.83
C SER B 456 -49.78 8.40 -23.46
N GLU B 457 -50.04 9.50 -22.74
CA GLU B 457 -50.62 9.39 -21.40
C GLU B 457 -52.10 9.01 -21.38
N ASN B 458 -52.79 9.21 -22.49
CA ASN B 458 -54.20 8.88 -22.58
C ASN B 458 -54.47 7.44 -23.00
N LEU B 459 -53.45 6.80 -23.58
CA LEU B 459 -53.60 5.43 -24.05
C LEU B 459 -52.56 4.48 -23.48
N GLU B 460 -52.85 3.18 -23.63
CA GLU B 460 -51.93 2.13 -23.20
C GLU B 460 -51.52 1.42 -24.49
N ASN B 461 -50.52 1.99 -25.17
CA ASN B 461 -50.03 1.45 -26.43
C ASN B 461 -48.99 0.33 -26.35
N TRP B 462 -48.10 0.39 -25.36
CA TRP B 462 -47.08 -0.63 -25.22
C TRP B 462 -47.42 -1.56 -24.05
N LEU B 463 -47.80 -2.79 -24.39
CA LEU B 463 -48.15 -3.79 -23.39
C LEU B 463 -46.91 -4.53 -22.91
N ASP B 464 -46.53 -4.30 -21.66
CA ASP B 464 -45.36 -4.93 -21.07
C ASP B 464 -45.65 -6.32 -20.52
N ILE B 465 -44.61 -6.96 -19.98
CA ILE B 465 -44.72 -8.30 -19.44
C ILE B 465 -45.46 -8.37 -18.12
N SER B 466 -45.27 -7.37 -17.27
CA SER B 466 -45.90 -7.31 -15.96
C SER B 466 -47.42 -7.30 -16.00
N SER B 467 -47.99 -6.81 -17.10
CA SER B 467 -49.44 -6.77 -17.24
C SER B 467 -49.98 -8.17 -17.50
N GLY B 468 -49.22 -8.97 -18.25
CA GLY B 468 -49.65 -10.32 -18.55
C GLY B 468 -50.03 -10.53 -20.00
N ALA B 469 -50.00 -11.79 -20.45
CA ALA B 469 -50.35 -12.14 -21.82
C ALA B 469 -51.87 -12.21 -21.96
N LYS B 470 -52.54 -12.32 -20.83
CA LYS B 470 -54.00 -12.41 -20.80
C LYS B 470 -54.64 -11.07 -21.09
N LYS B 471 -53.86 -10.00 -20.96
CA LYS B 471 -54.39 -8.67 -21.21
C LYS B 471 -54.30 -8.25 -22.68
N CYS B 472 -54.03 -9.22 -23.55
CA CYS B 472 -53.96 -8.94 -24.98
C CYS B 472 -55.39 -8.74 -25.48
N PRO B 473 -55.57 -7.81 -26.43
CA PRO B 473 -56.89 -7.50 -27.02
C PRO B 473 -57.75 -8.69 -27.41
N GLY B 474 -57.13 -9.75 -27.92
CA GLY B 474 -57.88 -10.92 -28.33
C GLY B 474 -58.05 -11.98 -27.26
N ALA B 475 -57.23 -11.90 -26.21
CA ALA B 475 -57.26 -12.85 -25.11
C ALA B 475 -58.49 -13.75 -25.17
N PRO B 476 -58.28 -15.07 -25.29
CA PRO B 476 -59.34 -16.09 -25.38
C PRO B 476 -60.63 -15.74 -24.65
#